data_8F9F
#
_entry.id   8F9F
#
_cell.length_a   77.372
_cell.length_b   86.574
_cell.length_c   134.212
_cell.angle_alpha   90.000
_cell.angle_beta   90.000
_cell.angle_gamma   90.000
#
_symmetry.space_group_name_H-M   'P 21 21 21'
#
loop_
_entity.id
_entity.type
_entity.pdbx_description
1 polymer 'Ky15.2 Antibody, heavy chain'
2 polymer 'Ky15.2 Antibody, light chain'
3 polymer 'Circumsporozoite protein NANP peptide'
4 non-polymer 1,2-ETHANEDIOL
5 water water
#
loop_
_entity_poly.entity_id
_entity_poly.type
_entity_poly.pdbx_seq_one_letter_code
_entity_poly.pdbx_strand_id
1 'polypeptide(L)'
;QVLLVESGGGVVQPGTSLRLSCVASGFSFSTYGMHWVRQSPGKGLEWVAIIWYDGGNKFYADSVQGRFTVSRDNSKNTLY
LQMNSLRAEDTAVYYCAKAYRTSLDKKYGMDVWGQGTTVTVSSASTKGPSVFPLAPSSKSTSGGTAALGCLVKDYFPEPV
TVSWNSGALTSGVHTFPAVLQSSGLYSLSSVVTVPSSSLGTQTYICNVNHKPSNTKVDKKVEPKSC
;
H,A
2 'polypeptide(L)'
;DIQMTQSPSTLSASVGDRVTITCRASQSIASWLAWYQQKPGKAPKLLIYKASSLESGVPSRFSGSGSGTEFTLTISSLHP
DDFATYFCQQFTSYWTFGQGTKVEIKRTVAAPSVFIFPPSDEQLKSGTASVVCLLNNFYPREAKVQWKVDNALQSGNSQE
SVTEQDSKDSTYSLSSTLTLSKADYEKHKVYACEVTHQGLSSPVTKSFNRGEC
;
L,B
3 'polypeptide(L)' NANPNANPNANP C,P
#
loop_
_chem_comp.id
_chem_comp.type
_chem_comp.name
_chem_comp.formula
EDO non-polymer 1,2-ETHANEDIOL 'C2 H6 O2'
#
# COMPACT_ATOMS: atom_id res chain seq x y z
N GLN A 1 -16.00 -6.58 -43.69
CA GLN A 1 -14.68 -5.98 -43.58
C GLN A 1 -14.74 -4.61 -42.90
N VAL A 2 -15.86 -4.32 -42.23
CA VAL A 2 -15.92 -3.19 -41.32
C VAL A 2 -14.86 -3.35 -40.24
N LEU A 3 -14.00 -2.34 -40.10
CA LEU A 3 -12.85 -2.45 -39.21
C LEU A 3 -12.52 -1.11 -38.58
N LEU A 4 -12.23 -1.15 -37.27
CA LEU A 4 -11.87 0.02 -36.48
C LEU A 4 -10.60 -0.27 -35.70
N VAL A 5 -9.63 0.64 -35.79
CA VAL A 5 -8.34 0.50 -35.14
C VAL A 5 -8.12 1.72 -34.25
N GLU A 6 -8.02 1.49 -32.94
CA GLU A 6 -7.74 2.54 -31.97
C GLU A 6 -6.24 2.71 -31.79
N SER A 7 -5.83 3.91 -31.39
CA SER A 7 -4.44 4.20 -31.14
C SER A 7 -4.33 5.38 -30.18
N GLY A 8 -3.11 5.61 -29.69
CA GLY A 8 -2.81 6.75 -28.85
C GLY A 8 -2.83 6.47 -27.37
N GLY A 9 -3.23 5.27 -26.95
CA GLY A 9 -3.15 4.92 -25.55
C GLY A 9 -1.71 4.84 -25.07
N GLY A 10 -1.54 4.88 -23.75
CA GLY A 10 -0.22 4.83 -23.18
C GLY A 10 -0.24 5.21 -21.71
N VAL A 11 0.95 5.45 -21.18
CA VAL A 11 1.12 5.83 -19.79
C VAL A 11 1.21 7.34 -19.69
N VAL A 12 0.34 7.92 -18.87
CA VAL A 12 0.30 9.37 -18.64
C VAL A 12 0.17 9.62 -17.14
N GLN A 13 0.62 10.81 -16.72
CA GLN A 13 0.53 11.22 -15.33
C GLN A 13 -0.81 11.91 -15.06
N PRO A 14 -1.32 11.82 -13.84
CA PRO A 14 -2.63 12.40 -13.54
C PRO A 14 -2.67 13.90 -13.78
N GLY A 15 -3.80 14.37 -14.28
CA GLY A 15 -4.01 15.77 -14.56
C GLY A 15 -3.57 16.23 -15.92
N THR A 16 -3.07 15.33 -16.77
CA THR A 16 -2.57 15.69 -18.09
C THR A 16 -3.62 15.37 -19.15
N SER A 17 -3.28 15.67 -20.41
CA SER A 17 -4.18 15.51 -21.52
C SER A 17 -3.67 14.45 -22.49
N LEU A 18 -4.59 13.59 -22.94
CA LEU A 18 -4.27 12.54 -23.90
C LEU A 18 -5.39 12.48 -24.93
N ARG A 19 -5.02 12.43 -26.20
CA ARG A 19 -6.00 12.32 -27.29
C ARG A 19 -5.91 10.93 -27.90
N LEU A 20 -7.02 10.21 -27.87
CA LEU A 20 -7.12 8.91 -28.53
C LEU A 20 -7.66 9.08 -29.93
N SER A 21 -7.17 8.23 -30.84
CA SER A 21 -7.62 8.22 -32.23
C SER A 21 -8.25 6.87 -32.55
N CYS A 22 -9.18 6.89 -33.52
CA CYS A 22 -9.83 5.68 -34.01
C CYS A 22 -9.97 5.81 -35.51
N VAL A 23 -9.43 4.84 -36.25
CA VAL A 23 -9.41 4.86 -37.71
C VAL A 23 -10.36 3.80 -38.22
N ALA A 24 -11.11 4.14 -39.27
CA ALA A 24 -12.15 3.29 -39.82
C ALA A 24 -11.84 2.88 -41.25
N SER A 25 -12.26 1.64 -41.58
CA SER A 25 -12.14 1.11 -42.92
C SER A 25 -13.31 0.14 -43.14
N GLY A 26 -13.60 -0.12 -44.41
CA GLY A 26 -14.62 -1.07 -44.78
C GLY A 26 -16.05 -0.55 -44.75
N PHE A 27 -16.24 0.75 -44.53
CA PHE A 27 -17.55 1.37 -44.60
C PHE A 27 -17.36 2.86 -44.78
N SER A 28 -18.43 3.55 -45.18
CA SER A 28 -18.36 4.99 -45.37
C SER A 28 -18.41 5.64 -44.00
N PHE A 29 -17.25 6.11 -43.52
CA PHE A 29 -17.13 6.65 -42.18
C PHE A 29 -17.97 7.93 -42.01
N SER A 30 -17.97 8.79 -43.04
CA SER A 30 -18.72 10.04 -42.97
C SER A 30 -20.20 9.85 -42.69
N THR A 31 -20.74 8.65 -42.93
CA THR A 31 -22.18 8.44 -42.88
C THR A 31 -22.66 7.79 -41.59
N TYR A 32 -21.79 7.54 -40.61
CA TYR A 32 -22.17 6.80 -39.43
C TYR A 32 -21.81 7.55 -38.15
N GLY A 33 -22.72 7.51 -37.17
CA GLY A 33 -22.38 7.89 -35.82
C GLY A 33 -21.34 6.94 -35.22
N MET A 34 -20.63 7.44 -34.22
CA MET A 34 -19.52 6.70 -33.64
C MET A 34 -19.51 6.89 -32.12
N HIS A 35 -18.99 5.87 -31.43
CA HIS A 35 -19.00 5.80 -29.97
C HIS A 35 -17.60 5.59 -29.43
N TRP A 36 -17.42 5.97 -28.16
CA TRP A 36 -16.30 5.53 -27.33
C TRP A 36 -16.86 4.80 -26.11
N VAL A 37 -16.33 3.61 -25.85
CA VAL A 37 -16.68 2.80 -24.68
C VAL A 37 -15.39 2.35 -24.02
N ARG A 38 -15.37 2.32 -22.69
CA ARG A 38 -14.18 1.93 -21.95
C ARG A 38 -14.50 0.80 -20.98
N GLN A 39 -13.46 0.07 -20.58
CA GLN A 39 -13.62 -1.09 -19.71
C GLN A 39 -12.45 -1.17 -18.75
N SER A 40 -12.74 -1.10 -17.45
CA SER A 40 -11.79 -1.37 -16.39
C SER A 40 -12.13 -2.70 -15.73
N PRO A 41 -11.17 -3.34 -15.07
CA PRO A 41 -11.50 -4.50 -14.23
C PRO A 41 -12.59 -4.21 -13.21
N GLY A 42 -12.70 -2.97 -12.72
CA GLY A 42 -13.59 -2.67 -11.63
C GLY A 42 -14.78 -1.78 -11.94
N LYS A 43 -14.92 -1.34 -13.19
CA LYS A 43 -16.09 -0.57 -13.61
C LYS A 43 -16.82 -1.22 -14.78
N GLY A 44 -16.45 -2.44 -15.14
CA GLY A 44 -17.08 -3.16 -16.24
C GLY A 44 -17.00 -2.38 -17.54
N LEU A 45 -18.00 -2.56 -18.39
CA LEU A 45 -18.13 -1.80 -19.61
C LEU A 45 -18.87 -0.50 -19.33
N GLU A 46 -18.29 0.62 -19.74
CA GLU A 46 -18.85 1.93 -19.49
C GLU A 46 -18.83 2.75 -20.78
N TRP A 47 -20.01 3.16 -21.23
CA TRP A 47 -20.09 4.07 -22.38
C TRP A 47 -19.51 5.43 -22.00
N VAL A 48 -18.84 6.07 -22.96
CA VAL A 48 -18.12 7.31 -22.73
C VAL A 48 -18.69 8.46 -23.55
N ALA A 49 -18.89 8.25 -24.85
CA ALA A 49 -19.28 9.37 -25.71
C ALA A 49 -19.84 8.84 -27.02
N ILE A 50 -20.62 9.70 -27.68
CA ILE A 50 -21.12 9.45 -29.03
C ILE A 50 -21.03 10.76 -29.81
N ILE A 51 -20.79 10.66 -31.12
CA ILE A 51 -20.74 11.81 -32.00
C ILE A 51 -21.50 11.50 -33.27
N TRP A 52 -22.33 12.44 -33.71
CA TRP A 52 -23.14 12.28 -34.90
C TRP A 52 -22.26 12.19 -36.15
N TYR A 53 -22.86 11.67 -37.23
CA TYR A 53 -22.11 11.41 -38.46
C TYR A 53 -21.37 12.65 -38.94
N ASP A 54 -21.99 13.82 -38.80
CA ASP A 54 -21.42 15.06 -39.30
C ASP A 54 -20.59 15.79 -38.25
N GLY A 55 -20.41 15.23 -37.06
CA GLY A 55 -19.64 15.88 -36.03
C GLY A 55 -20.37 16.94 -35.23
N GLY A 56 -21.68 17.10 -35.45
CA GLY A 56 -22.44 18.12 -34.75
C GLY A 56 -22.83 17.71 -33.34
N ASN A 57 -23.84 16.85 -33.23
CA ASN A 57 -24.32 16.44 -31.92
C ASN A 57 -23.28 15.55 -31.23
N LYS A 58 -23.05 15.84 -29.95
CA LYS A 58 -22.11 15.08 -29.12
C LYS A 58 -22.74 14.89 -27.76
N PHE A 59 -22.64 13.68 -27.23
CA PHE A 59 -23.18 13.38 -25.91
C PHE A 59 -22.13 12.62 -25.11
N TYR A 60 -22.17 12.79 -23.80
CA TYR A 60 -21.11 12.32 -22.91
C TYR A 60 -21.70 11.67 -21.68
N ALA A 61 -20.95 10.71 -21.13
CA ALA A 61 -21.28 10.17 -19.82
C ALA A 61 -20.94 11.21 -18.75
N ASP A 62 -21.73 11.22 -17.68
CA ASP A 62 -21.51 12.18 -16.62
C ASP A 62 -20.13 12.04 -16.00
N SER A 63 -19.60 10.81 -15.95
CA SER A 63 -18.29 10.59 -15.35
C SER A 63 -17.15 11.26 -16.12
N VAL A 64 -17.38 11.64 -17.37
CA VAL A 64 -16.35 12.28 -18.18
C VAL A 64 -16.76 13.65 -18.72
N GLN A 65 -18.03 14.03 -18.59
CA GLN A 65 -18.50 15.28 -19.18
C GLN A 65 -17.79 16.47 -18.53
N GLY A 66 -17.37 17.42 -19.36
CA GLY A 66 -16.59 18.55 -18.93
C GLY A 66 -15.09 18.34 -19.03
N ARG A 67 -14.63 17.09 -18.97
CA ARG A 67 -13.22 16.76 -19.08
C ARG A 67 -12.84 16.16 -20.42
N PHE A 68 -13.69 15.30 -20.98
CA PHE A 68 -13.42 14.67 -22.26
C PHE A 68 -14.15 15.38 -23.38
N THR A 69 -13.64 15.22 -24.60
CA THR A 69 -14.23 15.84 -25.77
C THR A 69 -14.10 14.88 -26.95
N VAL A 70 -15.21 14.63 -27.63
CA VAL A 70 -15.24 13.77 -28.81
C VAL A 70 -15.33 14.65 -30.05
N SER A 71 -14.60 14.26 -31.10
CA SER A 71 -14.59 14.98 -32.36
C SER A 71 -14.24 13.98 -33.47
N ARG A 72 -14.16 14.47 -34.69
CA ARG A 72 -13.89 13.59 -35.82
C ARG A 72 -13.43 14.41 -37.02
N ASP A 73 -12.55 13.83 -37.82
CA ASP A 73 -12.15 14.38 -39.11
C ASP A 73 -12.61 13.39 -40.18
N ASN A 74 -13.75 13.68 -40.79
CA ASN A 74 -14.28 12.77 -41.80
C ASN A 74 -13.40 12.72 -43.05
N SER A 75 -12.63 13.79 -43.31
CA SER A 75 -11.67 13.77 -44.41
C SER A 75 -10.48 12.88 -44.13
N LYS A 76 -10.31 12.41 -42.89
CA LYS A 76 -9.23 11.50 -42.52
C LYS A 76 -9.74 10.16 -42.02
N ASN A 77 -11.05 9.93 -42.03
CA ASN A 77 -11.65 8.67 -41.55
C ASN A 77 -11.26 8.39 -40.11
N THR A 78 -11.21 9.43 -39.28
CA THR A 78 -10.66 9.30 -37.92
C THR A 78 -11.59 9.90 -36.89
N LEU A 79 -11.91 9.10 -35.88
CA LEU A 79 -12.58 9.55 -34.67
C LEU A 79 -11.56 9.87 -33.59
N TYR A 80 -11.86 10.88 -32.77
CA TYR A 80 -10.97 11.30 -31.70
C TYR A 80 -11.69 11.31 -30.36
N LEU A 81 -10.93 11.06 -29.29
CA LEU A 81 -11.37 11.27 -27.92
C LEU A 81 -10.28 12.06 -27.20
N GLN A 82 -10.54 13.34 -26.94
CA GLN A 82 -9.59 14.18 -26.22
C GLN A 82 -9.89 14.10 -24.73
N MET A 83 -8.93 13.56 -23.97
CA MET A 83 -9.07 13.42 -22.53
C MET A 83 -8.25 14.49 -21.83
N ASN A 84 -8.90 15.21 -20.92
CA ASN A 84 -8.25 16.23 -20.10
C ASN A 84 -8.42 15.88 -18.63
N SER A 85 -7.55 16.44 -17.80
CA SER A 85 -7.61 16.30 -16.35
C SER A 85 -7.78 14.83 -15.95
N LEU A 86 -6.95 13.98 -16.54
CA LEU A 86 -7.02 12.54 -16.29
C LEU A 86 -6.82 12.23 -14.81
N ARG A 87 -7.56 11.24 -14.33
CA ARG A 87 -7.41 10.74 -12.97
C ARG A 87 -7.32 9.23 -13.02
N ALA A 88 -6.94 8.63 -11.88
CA ALA A 88 -6.68 7.21 -11.81
C ALA A 88 -7.86 6.37 -12.29
N GLU A 89 -9.08 6.84 -12.05
CA GLU A 89 -10.27 6.09 -12.46
C GLU A 89 -10.40 5.99 -13.97
N ASP A 90 -9.71 6.83 -14.73
CA ASP A 90 -9.76 6.79 -16.19
C ASP A 90 -8.88 5.70 -16.78
N THR A 91 -8.17 4.94 -15.95
CA THR A 91 -7.40 3.79 -16.44
C THR A 91 -8.36 2.73 -16.95
N ALA A 92 -8.21 2.37 -18.22
CA ALA A 92 -9.12 1.43 -18.86
C ALA A 92 -8.60 1.12 -20.26
N VAL A 93 -9.19 0.08 -20.86
CA VAL A 93 -9.12 -0.15 -22.30
C VAL A 93 -10.25 0.62 -22.95
N TYR A 94 -9.92 1.45 -23.92
CA TYR A 94 -10.89 2.32 -24.58
C TYR A 94 -11.22 1.77 -25.95
N TYR A 95 -12.49 1.45 -26.17
CA TYR A 95 -12.96 0.92 -27.44
C TYR A 95 -13.71 1.98 -28.22
N CYS A 96 -13.45 2.03 -29.51
CA CYS A 96 -14.22 2.79 -30.49
CA CYS A 96 -14.29 2.81 -30.41
C CYS A 96 -15.26 1.87 -31.11
N ALA A 97 -16.45 2.38 -31.38
CA ALA A 97 -17.51 1.52 -31.90
C ALA A 97 -18.40 2.28 -32.86
N LYS A 98 -18.93 1.55 -33.84
CA LYS A 98 -19.73 2.10 -34.92
C LYS A 98 -21.21 1.94 -34.61
N ALA A 99 -21.98 2.99 -34.89
CA ALA A 99 -23.42 2.95 -34.69
C ALA A 99 -24.07 1.92 -35.61
N TYR A 100 -25.19 1.37 -35.15
CA TYR A 100 -25.94 0.40 -35.94
C TYR A 100 -26.55 1.08 -37.16
N ARG A 101 -26.86 0.27 -38.17
CA ARG A 101 -27.29 0.79 -39.45
C ARG A 101 -28.63 1.51 -39.33
N THR A 102 -28.83 2.49 -40.21
CA THR A 102 -30.11 3.19 -40.28
C THR A 102 -31.23 2.23 -40.64
N SER A 103 -32.34 2.32 -39.91
CA SER A 103 -33.53 1.53 -40.19
C SER A 103 -34.75 2.34 -39.78
N LEU A 104 -35.90 1.67 -39.70
CA LEU A 104 -37.09 2.29 -39.15
C LEU A 104 -37.05 2.41 -37.63
N ASP A 105 -36.08 1.77 -36.98
CA ASP A 105 -35.96 1.85 -35.53
C ASP A 105 -35.78 3.29 -35.06
N LYS A 106 -36.31 3.58 -33.88
CA LYS A 106 -36.16 4.89 -33.25
C LYS A 106 -34.96 4.96 -32.32
N LYS A 107 -34.52 3.82 -31.79
CA LYS A 107 -33.40 3.74 -30.88
C LYS A 107 -32.26 2.95 -31.53
N TYR A 108 -31.03 3.39 -31.30
CA TYR A 108 -29.88 2.84 -31.99
C TYR A 108 -28.77 2.46 -31.02
N GLY A 109 -28.21 1.27 -31.23
CA GLY A 109 -27.06 0.80 -30.49
C GLY A 109 -25.79 0.83 -31.33
N MET A 110 -24.91 -0.15 -31.11
CA MET A 110 -23.66 -0.27 -31.83
CA MET A 110 -23.68 -0.26 -31.85
C MET A 110 -23.56 -1.67 -32.43
N ASP A 111 -22.74 -1.82 -33.47
CA ASP A 111 -22.61 -3.14 -34.06
C ASP A 111 -21.18 -3.66 -34.15
N VAL A 112 -20.21 -2.83 -34.52
CA VAL A 112 -18.82 -3.27 -34.63
C VAL A 112 -17.94 -2.41 -33.74
N TRP A 113 -17.06 -3.06 -32.98
CA TRP A 113 -16.09 -2.42 -32.11
C TRP A 113 -14.68 -2.69 -32.60
N GLY A 114 -13.76 -1.79 -32.23
CA GLY A 114 -12.35 -1.98 -32.46
C GLY A 114 -11.69 -2.82 -31.36
N GLN A 115 -10.38 -3.03 -31.52
CA GLN A 115 -9.71 -3.92 -30.59
CA GLN A 115 -9.64 -3.89 -30.62
C GLN A 115 -9.29 -3.23 -29.29
N GLY A 116 -9.29 -1.91 -29.25
CA GLY A 116 -9.07 -1.23 -28.00
C GLY A 116 -7.66 -0.66 -27.88
N THR A 117 -7.57 0.43 -27.10
CA THR A 117 -6.29 1.04 -26.77
C THR A 117 -6.24 1.27 -25.26
N THR A 118 -5.10 0.97 -24.66
CA THR A 118 -4.96 0.98 -23.21
C THR A 118 -4.42 2.32 -22.72
N VAL A 119 -5.14 2.95 -21.79
CA VAL A 119 -4.70 4.16 -21.12
C VAL A 119 -4.44 3.83 -19.66
N THR A 120 -3.25 4.19 -19.18
CA THR A 120 -2.83 3.96 -17.80
C THR A 120 -2.44 5.31 -17.21
N VAL A 121 -3.26 5.79 -16.26
CA VAL A 121 -2.97 7.03 -15.55
C VAL A 121 -2.23 6.65 -14.26
N SER A 122 -0.95 7.01 -14.18
CA SER A 122 -0.11 6.54 -13.09
C SER A 122 0.87 7.60 -12.63
N SER A 123 1.03 7.70 -11.31
CA SER A 123 2.09 8.49 -10.69
C SER A 123 3.33 7.62 -10.50
N ALA A 124 3.89 7.19 -11.63
CA ALA A 124 5.03 6.26 -11.57
C ALA A 124 5.96 6.51 -12.75
N SER A 125 7.22 6.11 -12.56
CA SER A 125 8.29 6.29 -13.52
C SER A 125 8.79 4.94 -14.02
N THR A 126 9.27 4.92 -15.27
CA THR A 126 9.78 3.71 -15.88
C THR A 126 10.92 3.12 -15.07
N LYS A 127 10.84 1.83 -14.80
CA LYS A 127 11.85 1.14 -14.00
C LYS A 127 11.97 -0.30 -14.49
N GLY A 128 13.20 -0.77 -14.68
CA GLY A 128 13.44 -2.14 -15.01
C GLY A 128 13.18 -3.04 -13.82
N PRO A 129 12.88 -4.30 -14.08
CA PRO A 129 12.56 -5.22 -12.98
C PRO A 129 13.81 -5.84 -12.37
N SER A 130 13.68 -6.17 -11.08
CA SER A 130 14.65 -7.01 -10.37
C SER A 130 14.10 -8.43 -10.35
N VAL A 131 14.89 -9.36 -10.87
CA VAL A 131 14.44 -10.74 -11.05
C VAL A 131 15.05 -11.59 -9.94
N PHE A 132 14.20 -12.30 -9.20
CA PHE A 132 14.62 -13.05 -8.03
C PHE A 132 14.22 -14.51 -8.16
N PRO A 133 15.10 -15.44 -7.79
CA PRO A 133 14.80 -16.87 -8.00
C PRO A 133 13.78 -17.40 -7.01
N LEU A 134 12.92 -18.29 -7.52
CA LEU A 134 12.04 -19.11 -6.68
C LEU A 134 12.62 -20.52 -6.68
N ALA A 135 13.48 -20.80 -5.70
CA ALA A 135 14.30 -22.00 -5.73
C ALA A 135 13.47 -23.24 -5.40
N PRO A 136 13.67 -24.34 -6.12
CA PRO A 136 13.01 -25.59 -5.75
C PRO A 136 13.59 -26.16 -4.48
N SER A 137 12.84 -27.05 -3.87
CA SER A 137 13.23 -27.69 -2.61
C SER A 137 12.25 -28.84 -2.36
N SER A 138 12.42 -29.51 -1.21
CA SER A 138 11.44 -30.49 -0.76
C SER A 138 10.07 -29.87 -0.55
N LYS A 139 10.02 -28.56 -0.30
CA LYS A 139 8.78 -27.82 -0.09
C LYS A 139 8.16 -27.32 -1.39
N SER A 140 8.74 -27.66 -2.53
CA SER A 140 8.21 -27.31 -3.84
C SER A 140 7.98 -28.54 -4.72
N THR A 141 7.97 -29.73 -4.12
CA THR A 141 7.89 -30.98 -4.87
C THR A 141 6.57 -31.71 -4.62
N SER A 142 6.13 -32.43 -5.65
CA SER A 142 4.96 -33.30 -5.54
C SER A 142 5.10 -34.46 -6.50
N GLY A 143 5.18 -35.68 -5.96
CA GLY A 143 5.18 -36.90 -6.74
C GLY A 143 6.14 -36.94 -7.92
N GLY A 144 7.42 -36.68 -7.65
CA GLY A 144 8.42 -36.73 -8.70
C GLY A 144 8.54 -35.49 -9.55
N THR A 145 7.74 -34.46 -9.28
CA THR A 145 7.84 -33.18 -9.97
C THR A 145 8.25 -32.10 -8.97
N ALA A 146 8.95 -31.10 -9.46
CA ALA A 146 9.36 -29.96 -8.66
C ALA A 146 8.93 -28.67 -9.34
N ALA A 147 8.60 -27.67 -8.53
CA ALA A 147 8.24 -26.35 -9.02
C ALA A 147 9.37 -25.37 -8.72
N LEU A 148 9.73 -24.57 -9.74
CA LEU A 148 10.74 -23.52 -9.67
C LEU A 148 10.27 -22.37 -10.56
N GLY A 149 10.80 -21.17 -10.32
CA GLY A 149 10.30 -19.99 -10.99
C GLY A 149 11.12 -18.77 -10.69
N CYS A 150 10.57 -17.61 -11.08
CA CYS A 150 11.24 -16.31 -10.93
CA CYS A 150 11.23 -16.31 -10.93
C CYS A 150 10.23 -15.25 -10.54
N LEU A 151 10.58 -14.48 -9.50
CA LEU A 151 9.85 -13.28 -9.09
C LEU A 151 10.37 -12.10 -9.90
N VAL A 152 9.52 -11.54 -10.76
CA VAL A 152 9.79 -10.32 -11.50
C VAL A 152 9.05 -9.19 -10.77
N LYS A 153 9.79 -8.37 -10.03
CA LYS A 153 9.19 -7.44 -9.09
C LYS A 153 9.65 -6.02 -9.37
N ASP A 154 8.78 -5.07 -9.00
CA ASP A 154 9.05 -3.63 -9.04
C ASP A 154 9.46 -3.17 -10.44
N TYR A 155 8.58 -3.37 -11.41
CA TYR A 155 8.80 -2.88 -12.76
C TYR A 155 7.63 -2.00 -13.19
N PHE A 156 7.89 -1.15 -14.20
CA PHE A 156 6.91 -0.22 -14.74
C PHE A 156 7.41 0.31 -16.07
N PRO A 157 6.53 0.48 -17.07
CA PRO A 157 5.14 0.05 -17.07
C PRO A 157 5.04 -1.38 -17.54
N GLU A 158 3.82 -1.88 -17.75
CA GLU A 158 3.67 -3.19 -18.37
C GLU A 158 4.07 -3.11 -19.84
N PRO A 159 4.24 -4.25 -20.52
CA PRO A 159 4.40 -5.61 -19.99
C PRO A 159 5.86 -6.07 -19.89
N VAL A 160 6.07 -7.18 -19.20
CA VAL A 160 7.31 -7.94 -19.24
C VAL A 160 7.05 -9.26 -19.94
N THR A 161 8.10 -9.83 -20.52
CA THR A 161 8.03 -11.12 -21.19
C THR A 161 9.04 -12.06 -20.56
N VAL A 162 8.60 -13.28 -20.23
CA VAL A 162 9.43 -14.29 -19.60
C VAL A 162 9.54 -15.49 -20.54
N SER A 163 10.77 -15.98 -20.72
CA SER A 163 11.02 -17.25 -21.36
C SER A 163 12.00 -18.05 -20.51
N TRP A 164 12.06 -19.35 -20.75
CA TRP A 164 12.87 -20.25 -19.95
C TRP A 164 13.88 -20.98 -20.84
N ASN A 165 15.15 -20.93 -20.42
CA ASN A 165 16.26 -21.51 -21.19
C ASN A 165 16.29 -20.95 -22.62
N SER A 166 16.07 -19.64 -22.74
CA SER A 166 16.09 -18.92 -24.01
C SER A 166 15.00 -19.40 -24.96
N GLY A 167 13.88 -19.88 -24.41
CA GLY A 167 12.76 -20.35 -25.19
C GLY A 167 12.74 -21.84 -25.43
N ALA A 168 13.87 -22.53 -25.23
CA ALA A 168 13.93 -23.97 -25.44
C ALA A 168 13.10 -24.76 -24.43
N LEU A 169 12.62 -24.12 -23.37
CA LEU A 169 11.70 -24.75 -22.43
C LEU A 169 10.36 -24.03 -22.52
N THR A 170 9.32 -24.75 -22.96
CA THR A 170 8.00 -24.18 -23.16
C THR A 170 6.87 -24.96 -22.50
N SER A 171 7.08 -26.21 -22.12
CA SER A 171 6.06 -26.97 -21.43
C SER A 171 6.10 -26.70 -19.93
N GLY A 172 4.94 -26.80 -19.28
CA GLY A 172 4.85 -26.69 -17.84
C GLY A 172 4.94 -25.29 -17.28
N VAL A 173 4.91 -24.25 -18.12
CA VAL A 173 5.08 -22.88 -17.66
C VAL A 173 3.73 -22.27 -17.36
N HIS A 174 3.61 -21.68 -16.17
CA HIS A 174 2.49 -20.82 -15.80
C HIS A 174 3.06 -19.44 -15.49
N THR A 175 2.84 -18.48 -16.36
CA THR A 175 3.21 -17.09 -16.10
C THR A 175 1.98 -16.33 -15.63
N PHE A 176 2.10 -15.70 -14.48
CA PHE A 176 0.93 -15.10 -13.85
C PHE A 176 0.73 -13.66 -14.29
N PRO A 177 -0.53 -13.23 -14.34
CA PRO A 177 -0.82 -11.82 -14.60
C PRO A 177 -0.20 -10.94 -13.51
N ALA A 178 0.37 -9.81 -13.93
CA ALA A 178 1.00 -8.90 -12.99
C ALA A 178 -0.02 -8.29 -12.05
N VAL A 179 0.41 -8.07 -10.82
CA VAL A 179 -0.35 -7.32 -9.84
C VAL A 179 0.23 -5.91 -9.74
N LEU A 180 -0.63 -4.95 -9.47
CA LEU A 180 -0.20 -3.57 -9.24
C LEU A 180 0.02 -3.39 -7.75
N GLN A 181 1.27 -3.14 -7.36
CA GLN A 181 1.60 -2.95 -5.97
C GLN A 181 1.25 -1.53 -5.54
N SER A 182 0.92 -1.39 -4.25
CA SER A 182 0.56 -0.07 -3.71
C SER A 182 1.70 0.93 -3.91
N SER A 183 2.91 0.44 -4.19
CA SER A 183 4.03 1.30 -4.56
C SER A 183 3.86 1.94 -5.93
N GLY A 184 2.87 1.50 -6.72
CA GLY A 184 2.72 1.94 -8.08
C GLY A 184 3.45 1.10 -9.11
N LEU A 185 4.33 0.20 -8.66
CA LEU A 185 5.05 -0.70 -9.54
C LEU A 185 4.34 -2.05 -9.62
N TYR A 186 4.71 -2.84 -10.63
CA TYR A 186 4.09 -4.13 -10.92
C TYR A 186 5.03 -5.28 -10.55
N SER A 187 4.42 -6.42 -10.19
CA SER A 187 5.15 -7.63 -9.89
C SER A 187 4.40 -8.84 -10.43
N LEU A 188 5.16 -9.79 -10.98
CA LEU A 188 4.59 -11.05 -11.43
C LEU A 188 5.59 -12.17 -11.22
N SER A 189 5.05 -13.37 -11.08
CA SER A 189 5.82 -14.60 -10.99
C SER A 189 5.58 -15.45 -12.24
N SER A 190 6.62 -16.20 -12.62
CA SER A 190 6.52 -17.22 -13.65
C SER A 190 7.13 -18.49 -13.10
N VAL A 191 6.37 -19.58 -13.13
CA VAL A 191 6.80 -20.85 -12.55
C VAL A 191 6.71 -21.93 -13.61
N VAL A 192 7.50 -22.97 -13.42
CA VAL A 192 7.54 -24.12 -14.33
C VAL A 192 7.68 -25.38 -13.49
N THR A 193 6.98 -26.43 -13.90
CA THR A 193 7.04 -27.73 -13.23
C THR A 193 7.90 -28.67 -14.06
N VAL A 194 8.91 -29.25 -13.42
CA VAL A 194 9.89 -30.12 -14.08
C VAL A 194 10.05 -31.36 -13.21
N PRO A 195 10.64 -32.43 -13.76
CA PRO A 195 10.89 -33.61 -12.92
C PRO A 195 11.98 -33.33 -11.91
N SER A 196 11.79 -33.86 -10.70
CA SER A 196 12.79 -33.69 -9.65
C SER A 196 14.11 -34.34 -10.03
N SER A 197 14.06 -35.35 -10.91
CA SER A 197 15.28 -36.02 -11.34
C SER A 197 16.21 -35.07 -12.09
N SER A 198 15.63 -34.03 -12.70
CA SER A 198 16.40 -33.18 -13.60
C SER A 198 17.22 -32.14 -12.86
N LEU A 199 16.88 -31.85 -11.61
CA LEU A 199 17.47 -30.70 -10.92
C LEU A 199 18.98 -30.82 -10.83
N GLY A 200 19.49 -32.05 -10.78
CA GLY A 200 20.93 -32.22 -10.67
C GLY A 200 21.64 -32.00 -12.00
N THR A 201 20.99 -32.37 -13.11
CA THR A 201 21.64 -32.38 -14.41
C THR A 201 21.04 -31.43 -15.43
N GLN A 202 20.07 -30.59 -15.05
CA GLN A 202 19.46 -29.66 -15.99
C GLN A 202 19.48 -28.26 -15.41
N THR A 203 20.05 -27.33 -16.16
CA THR A 203 20.06 -25.92 -15.78
C THR A 203 18.76 -25.27 -16.22
N TYR A 204 18.21 -24.41 -15.36
CA TYR A 204 17.00 -23.66 -15.68
C TYR A 204 17.28 -22.18 -15.46
N ILE A 205 17.15 -21.40 -16.53
CA ILE A 205 17.34 -19.95 -16.48
C ILE A 205 16.09 -19.28 -17.03
N CYS A 206 15.51 -18.38 -16.25
CA CYS A 206 14.42 -17.52 -16.67
C CYS A 206 14.99 -16.32 -17.42
N ASN A 207 14.41 -15.98 -18.57
CA ASN A 207 14.87 -14.86 -19.38
C ASN A 207 13.79 -13.78 -19.37
N VAL A 208 14.09 -12.66 -18.72
CA VAL A 208 13.13 -11.57 -18.53
C VAL A 208 13.53 -10.43 -19.46
N ASN A 209 12.61 -10.03 -20.34
CA ASN A 209 12.79 -8.87 -21.19
C ASN A 209 11.77 -7.81 -20.78
N HIS A 210 12.25 -6.58 -20.59
CA HIS A 210 11.40 -5.43 -20.30
C HIS A 210 11.78 -4.36 -21.31
N LYS A 211 11.03 -4.31 -22.41
CA LYS A 211 11.37 -3.39 -23.49
C LYS A 211 11.32 -1.92 -23.10
N PRO A 212 10.38 -1.43 -22.28
CA PRO A 212 10.42 0.00 -21.90
C PRO A 212 11.75 0.45 -21.33
N SER A 213 12.43 -0.37 -20.54
CA SER A 213 13.70 -0.02 -19.94
C SER A 213 14.90 -0.64 -20.65
N ASN A 214 14.67 -1.40 -21.72
CA ASN A 214 15.74 -2.06 -22.47
CA ASN A 214 15.73 -2.07 -22.47
C ASN A 214 16.55 -2.98 -21.55
N THR A 215 15.85 -3.74 -20.71
CA THR A 215 16.47 -4.66 -19.76
C THR A 215 16.33 -6.09 -20.26
N LYS A 216 17.39 -6.88 -20.09
CA LYS A 216 17.35 -8.31 -20.41
C LYS A 216 18.16 -9.03 -19.34
N VAL A 217 17.45 -9.64 -18.38
CA VAL A 217 18.05 -10.28 -17.22
C VAL A 217 17.95 -11.79 -17.40
N ASP A 218 19.08 -12.48 -17.23
CA ASP A 218 19.14 -13.94 -17.18
C ASP A 218 19.45 -14.35 -15.75
N LYS A 219 18.49 -15.03 -15.10
CA LYS A 219 18.63 -15.45 -13.71
C LYS A 219 18.53 -16.97 -13.64
N LYS A 220 19.63 -17.63 -13.30
CA LYS A 220 19.63 -19.07 -13.11
C LYS A 220 18.98 -19.41 -11.78
N VAL A 221 18.17 -20.46 -11.78
CA VAL A 221 17.43 -20.89 -10.58
C VAL A 221 18.06 -22.19 -10.09
N GLU A 222 18.65 -22.13 -8.90
CA GLU A 222 19.36 -23.24 -8.29
C GLU A 222 18.54 -23.88 -7.17
N PRO A 223 18.59 -25.19 -7.02
CA PRO A 223 17.92 -25.83 -5.89
C PRO A 223 18.54 -25.41 -4.57
N LYS A 224 17.70 -25.34 -3.54
CA LYS A 224 18.15 -25.11 -2.18
C LYS A 224 18.22 -26.42 -1.42
N SER A 225 19.07 -26.46 -0.40
CA SER A 225 19.29 -27.67 0.38
C SER A 225 18.34 -27.75 1.57
N CYS A 226 17.05 -27.84 1.26
CA CYS A 226 16.03 -28.05 2.28
C CYS A 226 14.79 -28.70 1.69
N ASP B 1 -28.83 5.42 -18.31
CA ASP B 1 -29.46 5.86 -17.06
C ASP B 1 -30.40 4.80 -16.53
N ILE B 2 -30.29 3.61 -17.10
CA ILE B 2 -31.03 2.43 -16.68
C ILE B 2 -30.03 1.38 -16.23
N GLN B 3 -30.26 0.79 -15.06
CA GLN B 3 -29.34 -0.19 -14.51
C GLN B 3 -29.72 -1.58 -15.02
N MET B 4 -28.75 -2.25 -15.64
CA MET B 4 -28.89 -3.64 -16.05
C MET B 4 -28.11 -4.51 -15.09
N THR B 5 -28.75 -5.56 -14.58
CA THR B 5 -28.07 -6.56 -13.77
C THR B 5 -28.26 -7.94 -14.40
N GLN B 6 -27.18 -8.71 -14.45
CA GLN B 6 -27.20 -10.07 -14.95
C GLN B 6 -27.12 -11.06 -13.80
N SER B 7 -27.59 -12.28 -14.07
CA SER B 7 -27.47 -13.39 -13.15
C SER B 7 -27.43 -14.66 -13.99
N PRO B 8 -26.60 -15.65 -13.61
CA PRO B 8 -25.62 -15.56 -12.53
C PRO B 8 -24.41 -14.75 -12.97
N SER B 9 -23.49 -14.45 -12.04
CA SER B 9 -22.27 -13.76 -12.46
C SER B 9 -21.22 -14.75 -12.98
N THR B 10 -21.27 -16.00 -12.53
CA THR B 10 -20.45 -17.07 -13.08
C THR B 10 -21.34 -18.28 -13.33
N LEU B 11 -21.19 -18.88 -14.50
CA LEU B 11 -21.91 -20.10 -14.85
C LEU B 11 -20.89 -21.16 -15.24
N SER B 12 -20.95 -22.31 -14.58
CA SER B 12 -20.09 -23.44 -14.88
C SER B 12 -20.93 -24.50 -15.58
N ALA B 13 -20.51 -24.88 -16.79
CA ALA B 13 -21.30 -25.79 -17.60
C ALA B 13 -20.39 -26.63 -18.47
N SER B 14 -20.94 -27.73 -18.98
CA SER B 14 -20.21 -28.67 -19.82
C SER B 14 -20.58 -28.47 -21.28
N VAL B 15 -19.69 -28.97 -22.16
CA VAL B 15 -19.95 -28.93 -23.59
C VAL B 15 -21.22 -29.72 -23.89
N GLY B 16 -22.10 -29.13 -24.70
CA GLY B 16 -23.36 -29.75 -25.03
C GLY B 16 -24.51 -29.37 -24.12
N ASP B 17 -24.24 -28.70 -23.01
CA ASP B 17 -25.30 -28.25 -22.12
C ASP B 17 -26.09 -27.10 -22.74
N ARG B 18 -27.35 -27.00 -22.34
CA ARG B 18 -28.16 -25.82 -22.58
C ARG B 18 -27.98 -24.85 -21.42
N VAL B 19 -27.57 -23.63 -21.73
CA VAL B 19 -27.33 -22.63 -20.70
C VAL B 19 -28.20 -21.41 -20.95
N THR B 20 -28.57 -20.75 -19.85
CA THR B 20 -29.50 -19.63 -19.88
C THR B 20 -28.96 -18.51 -19.02
N ILE B 21 -28.74 -17.35 -19.63
CA ILE B 21 -28.32 -16.14 -18.92
C ILE B 21 -29.49 -15.18 -18.92
N THR B 22 -29.84 -14.65 -17.75
CA THR B 22 -30.91 -13.68 -17.63
C THR B 22 -30.35 -12.29 -17.41
N CYS B 23 -31.10 -11.29 -17.85
CA CYS B 23 -30.73 -9.89 -17.73
C CYS B 23 -31.97 -9.12 -17.33
N ARG B 24 -31.85 -8.26 -16.32
CA ARG B 24 -32.97 -7.53 -15.76
C ARG B 24 -32.68 -6.04 -15.80
N ALA B 25 -33.62 -5.28 -16.37
CA ALA B 25 -33.53 -3.82 -16.41
C ALA B 25 -34.32 -3.22 -15.25
N SER B 26 -33.79 -2.13 -14.70
CA SER B 26 -34.46 -1.48 -13.57
C SER B 26 -35.80 -0.89 -14.00
N GLN B 27 -35.96 -0.55 -15.27
CA GLN B 27 -37.23 -0.10 -15.81
C GLN B 27 -37.36 -0.61 -17.23
N SER B 28 -38.57 -0.48 -17.78
CA SER B 28 -38.88 -1.04 -19.09
C SER B 28 -38.00 -0.43 -20.16
N ILE B 29 -37.42 -1.28 -21.00
CA ILE B 29 -36.65 -0.85 -22.17
C ILE B 29 -37.27 -1.37 -23.46
N ALA B 30 -38.53 -1.80 -23.40
CA ALA B 30 -39.20 -2.44 -24.53
C ALA B 30 -38.36 -3.61 -25.04
N SER B 31 -37.85 -3.50 -26.27
CA SER B 31 -37.00 -4.54 -26.82
C SER B 31 -35.64 -3.99 -27.23
N TRP B 32 -35.23 -2.86 -26.66
CA TRP B 32 -33.95 -2.23 -27.02
C TRP B 32 -32.82 -2.82 -26.16
N LEU B 33 -32.52 -4.09 -26.45
CA LEU B 33 -31.54 -4.86 -25.69
C LEU B 33 -30.60 -5.57 -26.66
N ALA B 34 -29.31 -5.60 -26.32
CA ALA B 34 -28.31 -6.26 -27.13
C ALA B 34 -27.49 -7.21 -26.26
N TRP B 35 -27.05 -8.31 -26.87
CA TRP B 35 -26.22 -9.30 -26.20
C TRP B 35 -24.85 -9.34 -26.88
N TYR B 36 -23.80 -9.25 -26.05
CA TYR B 36 -22.42 -9.29 -26.52
C TYR B 36 -21.71 -10.50 -25.94
N GLN B 37 -20.73 -10.99 -26.70
CA GLN B 37 -19.78 -12.00 -26.24
C GLN B 37 -18.38 -11.39 -26.20
N GLN B 38 -17.65 -11.64 -25.12
CA GLN B 38 -16.28 -11.16 -25.01
C GLN B 38 -15.38 -12.25 -24.49
N LYS B 39 -14.30 -12.51 -25.21
CA LYS B 39 -13.24 -13.41 -24.79
C LYS B 39 -12.06 -12.60 -24.29
N PRO B 40 -11.22 -13.20 -23.43
CA PRO B 40 -10.16 -12.42 -22.76
C PRO B 40 -9.19 -11.80 -23.75
N GLY B 41 -8.87 -10.53 -23.51
CA GLY B 41 -7.99 -9.79 -24.37
C GLY B 41 -8.59 -9.38 -25.70
N LYS B 42 -9.88 -9.61 -25.90
CA LYS B 42 -10.55 -9.31 -27.16
C LYS B 42 -11.71 -8.36 -26.93
N ALA B 43 -12.15 -7.72 -28.00
CA ALA B 43 -13.25 -6.77 -27.93
C ALA B 43 -14.58 -7.52 -27.84
N PRO B 44 -15.62 -6.89 -27.29
CA PRO B 44 -16.95 -7.49 -27.32
C PRO B 44 -17.46 -7.60 -28.74
N LYS B 45 -18.14 -8.71 -29.03
CA LYS B 45 -18.73 -8.95 -30.33
C LYS B 45 -20.25 -9.06 -30.20
N LEU B 46 -20.96 -8.35 -31.05
CA LEU B 46 -22.42 -8.33 -31.00
C LEU B 46 -22.96 -9.68 -31.48
N LEU B 47 -23.76 -10.32 -30.64
CA LEU B 47 -24.42 -11.57 -31.00
C LEU B 47 -25.89 -11.38 -31.35
N ILE B 48 -26.64 -10.69 -30.50
CA ILE B 48 -28.07 -10.52 -30.67
C ILE B 48 -28.43 -9.05 -30.48
N TYR B 49 -29.31 -8.54 -31.33
CA TYR B 49 -29.70 -7.14 -31.34
C TYR B 49 -31.21 -7.04 -31.29
N LYS B 50 -31.70 -5.97 -30.65
CA LYS B 50 -33.12 -5.74 -30.42
C LYS B 50 -33.80 -7.00 -29.87
N ALA B 51 -33.18 -7.56 -28.82
CA ALA B 51 -33.70 -8.65 -28.00
C ALA B 51 -33.58 -10.03 -28.64
N SER B 52 -33.97 -10.19 -29.91
CA SER B 52 -34.08 -11.53 -30.47
C SER B 52 -33.44 -11.75 -31.83
N SER B 53 -32.90 -10.71 -32.48
CA SER B 53 -32.42 -10.83 -33.85
C SER B 53 -30.95 -11.24 -33.85
N LEU B 54 -30.68 -12.45 -34.32
CA LEU B 54 -29.31 -12.92 -34.45
C LEU B 54 -28.56 -12.15 -35.53
N GLU B 55 -27.38 -11.67 -35.20
CA GLU B 55 -26.53 -11.02 -36.19
C GLU B 55 -26.03 -12.02 -37.22
N SER B 56 -25.64 -11.50 -38.37
CA SER B 56 -25.15 -12.34 -39.46
C SER B 56 -23.93 -13.13 -39.03
N GLY B 57 -23.96 -14.44 -39.29
CA GLY B 57 -22.83 -15.30 -38.98
C GLY B 57 -22.82 -15.89 -37.59
N VAL B 58 -23.64 -15.39 -36.68
CA VAL B 58 -23.75 -15.97 -35.34
C VAL B 58 -24.53 -17.27 -35.42
N PRO B 59 -24.01 -18.37 -34.87
CA PRO B 59 -24.71 -19.65 -34.97
C PRO B 59 -26.11 -19.61 -34.35
N SER B 60 -27.00 -20.41 -34.91
CA SER B 60 -28.39 -20.41 -34.46
CA SER B 60 -28.39 -20.40 -34.45
C SER B 60 -28.57 -21.02 -33.08
N ARG B 61 -27.54 -21.68 -32.53
CA ARG B 61 -27.66 -22.19 -31.17
C ARG B 61 -27.86 -21.06 -30.16
N PHE B 62 -27.46 -19.83 -30.51
CA PHE B 62 -27.72 -18.66 -29.70
C PHE B 62 -29.11 -18.10 -30.01
N SER B 63 -29.86 -17.78 -28.96
CA SER B 63 -31.15 -17.11 -29.13
C SER B 63 -31.43 -16.26 -27.91
N GLY B 64 -31.98 -15.07 -28.16
CA GLY B 64 -32.38 -14.15 -27.11
C GLY B 64 -33.89 -14.00 -27.09
N SER B 65 -34.43 -13.75 -25.90
CA SER B 65 -35.87 -13.65 -25.70
C SER B 65 -36.14 -12.54 -24.69
N GLY B 66 -37.38 -12.03 -24.75
CA GLY B 66 -37.84 -11.10 -23.73
C GLY B 66 -38.18 -9.70 -24.20
N SER B 67 -38.87 -8.96 -23.32
CA SER B 67 -39.23 -7.57 -23.57
C SER B 67 -39.64 -6.93 -22.25
N GLY B 68 -39.45 -5.62 -22.17
CA GLY B 68 -39.76 -4.88 -20.95
C GLY B 68 -38.57 -4.82 -20.00
N THR B 69 -38.62 -5.62 -18.92
CA THR B 69 -37.59 -5.61 -17.89
C THR B 69 -36.87 -6.95 -17.73
N GLU B 70 -37.30 -7.99 -18.44
CA GLU B 70 -36.75 -9.34 -18.26
C GLU B 70 -36.33 -9.89 -19.61
N PHE B 71 -35.06 -10.27 -19.73
CA PHE B 71 -34.52 -10.78 -20.99
C PHE B 71 -33.67 -12.01 -20.70
N THR B 72 -33.58 -12.90 -21.68
CA THR B 72 -32.83 -14.14 -21.53
CA THR B 72 -32.84 -14.15 -21.53
C THR B 72 -32.00 -14.40 -22.77
N LEU B 73 -30.78 -14.88 -22.57
CA LEU B 73 -29.92 -15.37 -23.64
C LEU B 73 -29.72 -16.87 -23.42
N THR B 74 -30.03 -17.65 -24.44
CA THR B 74 -29.97 -19.10 -24.35
C THR B 74 -29.01 -19.66 -25.39
N ILE B 75 -28.17 -20.59 -24.96
CA ILE B 75 -27.36 -21.38 -25.86
C ILE B 75 -27.90 -22.81 -25.81
N SER B 76 -28.37 -23.29 -26.97
CA SER B 76 -29.04 -24.59 -27.01
C SER B 76 -28.07 -25.72 -26.66
N SER B 77 -26.86 -25.66 -27.19
CA SER B 77 -25.88 -26.72 -26.98
C SER B 77 -24.50 -26.07 -26.99
N LEU B 78 -23.82 -26.12 -25.85
CA LEU B 78 -22.59 -25.36 -25.67
C LEU B 78 -21.45 -25.98 -26.48
N HIS B 79 -20.72 -25.13 -27.21
CA HIS B 79 -19.48 -25.45 -27.88
C HIS B 79 -18.30 -24.91 -27.09
N PRO B 80 -17.11 -25.48 -27.24
CA PRO B 80 -15.92 -24.89 -26.59
C PRO B 80 -15.69 -23.44 -26.99
N ASP B 81 -16.10 -23.04 -28.20
CA ASP B 81 -15.97 -21.66 -28.62
C ASP B 81 -16.85 -20.72 -27.83
N ASP B 82 -17.90 -21.22 -27.18
CA ASP B 82 -18.86 -20.37 -26.48
C ASP B 82 -18.47 -20.05 -25.04
N PHE B 83 -17.41 -20.67 -24.52
CA PHE B 83 -16.98 -20.35 -23.16
C PHE B 83 -16.32 -18.98 -23.16
N ALA B 84 -17.02 -18.00 -22.62
CA ALA B 84 -16.58 -16.60 -22.62
C ALA B 84 -17.46 -15.85 -21.62
N THR B 85 -17.33 -14.53 -21.62
CA THR B 85 -18.15 -13.65 -20.79
C THR B 85 -19.18 -12.97 -21.67
N TYR B 86 -20.41 -12.88 -21.18
CA TYR B 86 -21.53 -12.34 -21.94
C TYR B 86 -22.11 -11.13 -21.22
N PHE B 87 -22.30 -10.05 -21.97
CA PHE B 87 -22.83 -8.80 -21.45
C PHE B 87 -24.14 -8.47 -22.16
N CYS B 88 -25.11 -7.98 -21.40
CA CYS B 88 -26.29 -7.37 -22.00
C CYS B 88 -26.15 -5.85 -21.97
N GLN B 89 -26.70 -5.20 -22.99
CA GLN B 89 -26.66 -3.76 -23.13
C GLN B 89 -28.04 -3.26 -23.52
N GLN B 90 -28.57 -2.29 -22.78
CA GLN B 90 -29.76 -1.57 -23.21
C GLN B 90 -29.31 -0.36 -24.02
N PHE B 91 -30.06 -0.05 -25.09
CA PHE B 91 -29.70 1.10 -25.90
C PHE B 91 -30.90 2.01 -26.17
N THR B 92 -31.80 2.14 -25.19
CA THR B 92 -32.90 3.10 -25.29
C THR B 92 -32.67 4.37 -24.49
N SER B 93 -31.88 4.30 -23.41
CA SER B 93 -31.57 5.47 -22.57
C SER B 93 -30.05 5.51 -22.41
N TYR B 94 -29.40 6.24 -23.31
CA TYR B 94 -27.95 6.14 -23.48
C TYR B 94 -27.62 4.65 -23.70
N TRP B 95 -26.48 4.19 -23.18
CA TRP B 95 -26.04 2.82 -23.38
C TRP B 95 -25.38 2.35 -22.07
N THR B 96 -26.03 1.40 -21.40
CA THR B 96 -25.51 0.82 -20.15
C THR B 96 -25.46 -0.69 -20.27
N PHE B 97 -24.55 -1.29 -19.51
CA PHE B 97 -24.26 -2.71 -19.60
C PHE B 97 -24.49 -3.41 -18.27
N GLY B 98 -24.86 -4.69 -18.34
CA GLY B 98 -24.78 -5.55 -17.18
C GLY B 98 -23.33 -5.82 -16.82
N GLN B 99 -23.13 -6.43 -15.65
CA GLN B 99 -21.79 -6.69 -15.12
CA GLN B 99 -21.77 -6.64 -15.17
C GLN B 99 -21.10 -7.86 -15.79
N GLY B 100 -21.82 -8.66 -16.55
CA GLY B 100 -21.21 -9.78 -17.24
C GLY B 100 -21.52 -11.12 -16.58
N THR B 101 -21.54 -12.16 -17.40
CA THR B 101 -21.70 -13.53 -16.93
C THR B 101 -20.60 -14.38 -17.57
N LYS B 102 -19.69 -14.88 -16.74
CA LYS B 102 -18.60 -15.71 -17.23
C LYS B 102 -19.07 -17.16 -17.29
N VAL B 103 -19.20 -17.70 -18.49
CA VAL B 103 -19.50 -19.11 -18.70
C VAL B 103 -18.16 -19.85 -18.78
N GLU B 104 -17.86 -20.61 -17.74
CA GLU B 104 -16.63 -21.37 -17.63
C GLU B 104 -16.90 -22.86 -17.76
N ILE B 105 -15.84 -23.61 -18.00
CA ILE B 105 -15.95 -25.06 -18.17
C ILE B 105 -16.07 -25.70 -16.81
N LYS B 106 -17.02 -26.63 -16.67
CA LYS B 106 -17.15 -27.42 -15.46
C LYS B 106 -16.27 -28.67 -15.55
N ARG B 107 -15.67 -29.02 -14.42
CA ARG B 107 -14.85 -30.22 -14.31
C ARG B 107 -14.93 -30.74 -12.88
N THR B 108 -14.32 -31.90 -12.65
CA THR B 108 -14.26 -32.45 -11.31
C THR B 108 -13.50 -31.50 -10.39
N VAL B 109 -13.94 -31.44 -9.13
CA VAL B 109 -13.19 -30.70 -8.14
C VAL B 109 -11.77 -31.24 -8.08
N ALA B 110 -10.79 -30.34 -8.21
CA ALA B 110 -9.39 -30.68 -8.09
C ALA B 110 -8.76 -29.82 -7.01
N ALA B 111 -8.12 -30.47 -6.05
CA ALA B 111 -7.44 -29.77 -4.98
C ALA B 111 -6.10 -29.21 -5.47
N PRO B 112 -5.63 -28.12 -4.87
CA PRO B 112 -4.40 -27.50 -5.35
C PRO B 112 -3.16 -28.19 -4.77
N SER B 113 -2.12 -28.28 -5.62
CA SER B 113 -0.78 -28.58 -5.15
C SER B 113 -0.17 -27.29 -4.58
N VAL B 114 0.21 -27.32 -3.31
CA VAL B 114 0.67 -26.14 -2.61
C VAL B 114 2.19 -26.19 -2.47
N PHE B 115 2.86 -25.24 -3.10
CA PHE B 115 4.29 -25.06 -3.01
C PHE B 115 4.59 -23.72 -2.36
N ILE B 116 5.68 -23.66 -1.60
CA ILE B 116 6.11 -22.43 -0.95
C ILE B 116 7.55 -22.17 -1.33
N PHE B 117 7.91 -20.89 -1.40
CA PHE B 117 9.23 -20.47 -1.83
C PHE B 117 9.77 -19.41 -0.87
N PRO B 118 10.90 -19.64 -0.22
CA PRO B 118 11.50 -18.62 0.64
C PRO B 118 12.04 -17.47 -0.19
N PRO B 119 12.19 -16.29 0.41
CA PRO B 119 12.82 -15.20 -0.33
C PRO B 119 14.26 -15.52 -0.69
N SER B 120 14.69 -14.99 -1.83
CA SER B 120 16.06 -15.15 -2.28
C SER B 120 17.00 -14.32 -1.41
N ASP B 121 18.18 -14.86 -1.15
CA ASP B 121 19.20 -14.08 -0.46
C ASP B 121 19.55 -12.83 -1.25
N GLU B 122 19.41 -12.89 -2.58
CA GLU B 122 19.66 -11.72 -3.40
CA GLU B 122 19.67 -11.71 -3.40
C GLU B 122 18.69 -10.59 -3.08
N GLN B 123 17.43 -10.92 -2.79
CA GLN B 123 16.46 -9.90 -2.42
C GLN B 123 16.72 -9.38 -1.02
N LEU B 124 17.03 -10.26 -0.07
CA LEU B 124 17.31 -9.86 1.30
C LEU B 124 18.45 -8.84 1.35
N LYS B 125 19.47 -9.01 0.50
CA LYS B 125 20.55 -8.03 0.43
C LYS B 125 20.05 -6.65 0.02
N SER B 126 19.03 -6.59 -0.83
CA SER B 126 18.45 -5.30 -1.20
C SER B 126 17.53 -4.75 -0.11
N GLY B 127 17.22 -5.53 0.92
CA GLY B 127 16.45 -5.05 2.04
C GLY B 127 14.97 -5.33 2.01
N THR B 128 14.52 -6.35 1.27
CA THR B 128 13.12 -6.71 1.21
C THR B 128 13.00 -8.23 1.15
N ALA B 129 11.86 -8.73 1.64
CA ALA B 129 11.59 -10.17 1.65
C ALA B 129 10.23 -10.43 1.02
N SER B 130 10.19 -11.31 0.04
CA SER B 130 8.95 -11.74 -0.60
C SER B 130 8.85 -13.25 -0.49
N VAL B 131 7.77 -13.71 0.13
CA VAL B 131 7.46 -15.14 0.20
C VAL B 131 6.31 -15.40 -0.77
N VAL B 132 6.41 -16.52 -1.50
CA VAL B 132 5.45 -16.86 -2.55
C VAL B 132 4.83 -18.20 -2.23
N CYS B 133 3.50 -18.25 -2.22
CA CYS B 133 2.75 -19.49 -2.12
C CYS B 133 2.08 -19.76 -3.46
N LEU B 134 2.22 -20.98 -3.96
CA LEU B 134 1.70 -21.36 -5.27
C LEU B 134 0.70 -22.50 -5.12
N LEU B 135 -0.51 -22.28 -5.64
CA LEU B 135 -1.54 -23.31 -5.76
C LEU B 135 -1.67 -23.67 -7.24
N ASN B 136 -1.50 -24.95 -7.55
CA ASN B 136 -1.37 -25.37 -8.94
C ASN B 136 -2.47 -26.34 -9.35
N ASN B 137 -3.05 -26.04 -10.51
CA ASN B 137 -3.98 -26.89 -11.25
C ASN B 137 -5.16 -27.32 -10.38
N PHE B 138 -5.96 -26.34 -9.96
CA PHE B 138 -7.06 -26.55 -9.04
C PHE B 138 -8.37 -26.01 -9.62
N TYR B 139 -9.48 -26.63 -9.19
CA TYR B 139 -10.85 -26.22 -9.56
C TYR B 139 -11.76 -26.44 -8.36
N PRO B 140 -12.62 -25.47 -8.01
CA PRO B 140 -12.90 -24.21 -8.69
C PRO B 140 -11.93 -23.09 -8.36
N ARG B 141 -12.16 -21.94 -9.00
CA ARG B 141 -11.25 -20.81 -8.85
CA ARG B 141 -11.25 -20.81 -8.85
C ARG B 141 -11.23 -20.29 -7.42
N GLU B 142 -12.37 -20.36 -6.73
CA GLU B 142 -12.47 -19.82 -5.39
CA GLU B 142 -12.47 -19.83 -5.38
C GLU B 142 -11.56 -20.57 -4.41
N ALA B 143 -10.66 -19.83 -3.77
CA ALA B 143 -9.72 -20.39 -2.83
C ALA B 143 -9.33 -19.34 -1.80
N LYS B 144 -9.08 -19.81 -0.57
CA LYS B 144 -8.63 -18.96 0.51
C LYS B 144 -7.15 -19.21 0.77
N VAL B 145 -6.38 -18.14 0.85
CA VAL B 145 -4.94 -18.21 1.08
C VAL B 145 -4.61 -17.23 2.19
N GLN B 146 -4.18 -17.74 3.34
CA GLN B 146 -3.94 -16.94 4.53
C GLN B 146 -2.47 -17.04 4.92
N TRP B 147 -1.77 -15.92 4.88
CA TRP B 147 -0.39 -15.87 5.34
C TRP B 147 -0.33 -15.81 6.85
N LYS B 148 0.63 -16.52 7.43
CA LYS B 148 0.86 -16.54 8.86
C LYS B 148 2.35 -16.40 9.14
N VAL B 149 2.68 -15.48 10.04
CA VAL B 149 4.05 -15.28 10.50
C VAL B 149 4.06 -15.50 12.00
N ASP B 150 4.77 -16.54 12.43
CA ASP B 150 4.69 -17.02 13.81
C ASP B 150 3.23 -17.21 14.22
N ASN B 151 2.49 -17.90 13.35
CA ASN B 151 1.06 -18.20 13.49
C ASN B 151 0.17 -16.95 13.51
N ALA B 152 0.76 -15.77 13.37
CA ALA B 152 -0.01 -14.54 13.37
C ALA B 152 -0.53 -14.25 11.98
N LEU B 153 -1.86 -14.17 11.83
CA LEU B 153 -2.46 -13.93 10.53
C LEU B 153 -2.06 -12.57 9.98
N GLN B 154 -1.69 -12.53 8.71
CA GLN B 154 -1.30 -11.30 8.05
C GLN B 154 -2.50 -10.66 7.35
N SER B 155 -2.44 -9.34 7.18
CA SER B 155 -3.55 -8.58 6.63
C SER B 155 -3.00 -7.33 5.96
N GLY B 156 -3.28 -7.19 4.66
CA GLY B 156 -2.87 -6.03 3.91
C GLY B 156 -1.50 -6.09 3.28
N ASN B 157 -0.79 -7.21 3.41
CA ASN B 157 0.59 -7.34 2.95
C ASN B 157 0.76 -8.38 1.87
N SER B 158 -0.33 -8.92 1.33
CA SER B 158 -0.30 -9.98 0.33
C SER B 158 -1.05 -9.54 -0.92
N GLN B 159 -0.64 -10.11 -2.06
CA GLN B 159 -1.32 -9.88 -3.32
C GLN B 159 -1.42 -11.19 -4.08
N GLU B 160 -2.61 -11.47 -4.61
CA GLU B 160 -2.92 -12.73 -5.27
C GLU B 160 -3.01 -12.54 -6.79
N SER B 161 -2.59 -13.56 -7.53
CA SER B 161 -2.75 -13.62 -8.97
C SER B 161 -3.24 -15.00 -9.37
N VAL B 162 -4.17 -15.04 -10.32
CA VAL B 162 -4.77 -16.28 -10.80
C VAL B 162 -4.78 -16.27 -12.32
N THR B 163 -4.41 -17.41 -12.90
CA THR B 163 -4.41 -17.53 -14.35
C THR B 163 -5.83 -17.62 -14.89
N GLU B 164 -5.97 -17.37 -16.19
CA GLU B 164 -7.19 -17.75 -16.87
C GLU B 164 -7.34 -19.26 -16.85
N GLN B 165 -8.59 -19.73 -16.96
CA GLN B 165 -8.83 -21.16 -16.99
C GLN B 165 -8.08 -21.79 -18.15
N ASP B 166 -7.35 -22.87 -17.87
CA ASP B 166 -6.56 -23.52 -18.88
C ASP B 166 -7.46 -24.22 -19.89
N SER B 167 -7.04 -24.24 -21.15
CA SER B 167 -7.82 -24.94 -22.17
C SER B 167 -7.72 -26.44 -22.02
N LYS B 168 -6.54 -26.95 -21.64
CA LYS B 168 -6.27 -28.38 -21.68
C LYS B 168 -6.98 -29.12 -20.55
N ASP B 169 -6.63 -28.80 -19.30
CA ASP B 169 -7.23 -29.45 -18.15
C ASP B 169 -8.33 -28.63 -17.49
N SER B 170 -8.65 -27.44 -18.02
CA SER B 170 -9.73 -26.60 -17.49
C SER B 170 -9.53 -26.26 -16.02
N THR B 171 -8.27 -26.23 -15.56
CA THR B 171 -7.95 -25.88 -14.19
C THR B 171 -7.41 -24.46 -14.10
N TYR B 172 -7.33 -23.98 -12.87
CA TYR B 172 -6.76 -22.69 -12.52
C TYR B 172 -5.48 -22.90 -11.71
N SER B 173 -4.63 -21.88 -11.72
CA SER B 173 -3.45 -21.82 -10.86
C SER B 173 -3.35 -20.44 -10.23
N LEU B 174 -2.81 -20.39 -9.01
CA LEU B 174 -2.84 -19.17 -8.21
C LEU B 174 -1.54 -18.99 -7.46
N SER B 175 -1.14 -17.72 -7.33
CA SER B 175 0.05 -17.31 -6.60
C SER B 175 -0.30 -16.19 -5.62
N SER B 176 0.25 -16.28 -4.41
CA SER B 176 0.11 -15.24 -3.40
C SER B 176 1.49 -14.85 -2.89
N THR B 177 1.73 -13.54 -2.81
CA THR B 177 3.04 -13.00 -2.51
C THR B 177 2.96 -12.12 -1.27
N LEU B 178 3.64 -12.56 -0.20
CA LEU B 178 3.76 -11.78 1.03
C LEU B 178 5.07 -11.01 0.99
N THR B 179 4.98 -9.68 1.03
CA THR B 179 6.16 -8.81 0.98
C THR B 179 6.36 -8.15 2.32
N LEU B 180 7.56 -8.31 2.88
CA LEU B 180 7.94 -7.71 4.14
C LEU B 180 9.26 -6.97 3.97
N SER B 181 9.49 -6.00 4.84
CA SER B 181 10.81 -5.41 4.93
C SER B 181 11.78 -6.46 5.47
N LYS B 182 13.05 -6.33 5.09
CA LYS B 182 14.08 -7.21 5.62
C LYS B 182 14.08 -7.21 7.14
N ALA B 183 13.84 -6.03 7.74
CA ALA B 183 13.87 -5.91 9.20
C ALA B 183 12.61 -6.49 9.84
N ASP B 184 11.45 -6.33 9.20
CA ASP B 184 10.27 -7.05 9.67
C ASP B 184 10.44 -8.55 9.46
N TYR B 185 11.05 -8.94 8.34
CA TYR B 185 11.24 -10.36 8.05
C TYR B 185 12.15 -11.02 9.08
N GLU B 186 13.26 -10.35 9.42
CA GLU B 186 14.24 -10.91 10.34
C GLU B 186 13.75 -10.94 11.79
N LYS B 187 12.50 -10.57 12.05
CA LYS B 187 11.95 -10.52 13.40
C LYS B 187 11.19 -11.78 13.80
N HIS B 188 10.92 -12.68 12.86
CA HIS B 188 10.07 -13.84 13.11
C HIS B 188 10.68 -15.07 12.42
N LYS B 189 10.21 -16.25 12.82
CA LYS B 189 10.86 -17.50 12.43
C LYS B 189 10.06 -18.29 11.40
N VAL B 190 8.84 -18.71 11.73
CA VAL B 190 8.07 -19.61 10.90
C VAL B 190 7.19 -18.81 9.95
N TYR B 191 7.43 -18.99 8.65
CA TYR B 191 6.61 -18.36 7.61
C TYR B 191 5.81 -19.46 6.91
N ALA B 192 4.48 -19.30 6.92
CA ALA B 192 3.56 -20.37 6.57
C ALA B 192 2.48 -19.87 5.64
N CYS B 193 1.94 -20.80 4.85
CA CYS B 193 0.87 -20.53 3.88
C CYS B 193 -0.26 -21.51 4.11
N GLU B 194 -1.40 -21.02 4.61
CA GLU B 194 -2.56 -21.85 4.88
C GLU B 194 -3.57 -21.68 3.75
N VAL B 195 -3.96 -22.79 3.13
CA VAL B 195 -4.86 -22.81 1.99
C VAL B 195 -6.12 -23.56 2.36
N THR B 196 -7.27 -22.91 2.14
CA THR B 196 -8.58 -23.51 2.34
C THR B 196 -9.27 -23.62 0.97
N HIS B 197 -9.57 -24.85 0.56
CA HIS B 197 -10.15 -25.11 -0.75
C HIS B 197 -11.13 -26.27 -0.65
N GLN B 198 -12.07 -26.29 -1.59
CA GLN B 198 -13.13 -27.30 -1.58
C GLN B 198 -12.56 -28.71 -1.73
N GLY B 199 -11.51 -28.86 -2.54
CA GLY B 199 -10.87 -30.16 -2.67
C GLY B 199 -10.05 -30.61 -1.47
N LEU B 200 -9.95 -29.77 -0.45
CA LEU B 200 -9.19 -30.07 0.75
C LEU B 200 -10.16 -30.28 1.90
N SER B 201 -10.12 -31.48 2.51
CA SER B 201 -10.96 -31.75 3.67
C SER B 201 -10.59 -30.83 4.83
N SER B 202 -9.30 -30.54 4.98
CA SER B 202 -8.79 -29.65 6.01
C SER B 202 -7.85 -28.64 5.38
N PRO B 203 -7.72 -27.45 5.98
CA PRO B 203 -6.77 -26.47 5.45
C PRO B 203 -5.35 -27.03 5.44
N VAL B 204 -4.69 -26.90 4.31
CA VAL B 204 -3.31 -27.38 4.16
C VAL B 204 -2.36 -26.22 4.42
N THR B 205 -1.29 -26.49 5.15
CA THR B 205 -0.27 -25.51 5.50
C THR B 205 1.09 -26.02 5.06
N LYS B 206 1.77 -25.24 4.23
CA LYS B 206 3.17 -25.43 3.85
C LYS B 206 3.95 -24.30 4.50
N SER B 207 5.09 -24.63 5.09
CA SER B 207 5.84 -23.65 5.86
CA SER B 207 5.84 -23.66 5.87
C SER B 207 7.33 -23.95 5.83
N PHE B 208 8.11 -22.90 6.09
CA PHE B 208 9.55 -22.94 6.20
C PHE B 208 9.98 -22.07 7.38
N ASN B 209 11.11 -22.43 7.98
CA ASN B 209 11.73 -21.65 9.04
C ASN B 209 12.82 -20.76 8.45
N ARG B 210 12.84 -19.50 8.88
CA ARG B 210 13.83 -18.56 8.39
C ARG B 210 15.24 -19.07 8.71
N GLY B 211 16.09 -19.09 7.69
CA GLY B 211 17.45 -19.56 7.83
C GLY B 211 17.62 -21.06 7.69
N GLU B 212 16.53 -21.82 7.57
CA GLU B 212 16.61 -23.27 7.40
C GLU B 212 16.42 -23.72 5.96
N CYS B 213 16.10 -22.78 5.07
CA CYS B 213 16.20 -22.99 3.66
C CYS B 213 17.19 -22.00 3.07
N GLN C 1 30.53 23.62 28.01
CA GLN C 1 29.29 23.10 27.42
C GLN C 1 29.58 22.42 26.08
N VAL C 2 29.70 21.10 26.12
CA VAL C 2 29.87 20.32 24.90
C VAL C 2 28.59 20.40 24.08
N LEU C 3 28.73 20.81 22.81
CA LEU C 3 27.60 20.95 21.91
C LEU C 3 27.97 20.36 20.56
N LEU C 4 27.07 19.52 20.04
CA LEU C 4 27.18 18.94 18.71
C LEU C 4 25.93 19.27 17.93
N VAL C 5 26.10 19.86 16.75
CA VAL C 5 25.00 20.27 15.90
C VAL C 5 25.15 19.59 14.55
N GLU C 6 24.20 18.71 14.22
CA GLU C 6 24.17 18.02 12.95
C GLU C 6 23.39 18.82 11.91
N SER C 7 23.72 18.58 10.64
CA SER C 7 23.04 19.20 9.52
C SER C 7 23.31 18.37 8.28
N GLY C 8 22.55 18.68 7.23
CA GLY C 8 22.70 18.05 5.93
C GLY C 8 21.67 16.99 5.62
N GLY C 9 20.79 16.64 6.56
CA GLY C 9 19.73 15.71 6.26
C GLY C 9 18.70 16.31 5.32
N GLY C 10 18.06 15.44 4.54
CA GLY C 10 17.02 15.89 3.64
C GLY C 10 16.17 14.72 3.20
N VAL C 11 15.36 14.98 2.18
CA VAL C 11 14.58 13.95 1.49
C VAL C 11 15.25 13.73 0.15
N VAL C 12 15.67 12.48 -0.11
CA VAL C 12 16.40 12.16 -1.32
C VAL C 12 15.86 10.87 -1.93
N GLN C 13 16.17 10.67 -3.21
CA GLN C 13 15.77 9.49 -3.94
C GLN C 13 16.72 8.34 -3.65
N PRO C 14 16.24 7.09 -3.71
CA PRO C 14 17.14 5.96 -3.47
C PRO C 14 18.22 5.87 -4.52
N GLY C 15 19.37 5.32 -4.12
CA GLY C 15 20.52 5.22 -5.00
C GLY C 15 21.33 6.49 -5.15
N THR C 16 21.00 7.54 -4.42
CA THR C 16 21.72 8.81 -4.51
C THR C 16 22.68 8.97 -3.35
N SER C 17 23.48 10.03 -3.41
CA SER C 17 24.47 10.34 -2.39
C SER C 17 24.07 11.57 -1.60
N LEU C 18 24.52 11.62 -0.35
CA LEU C 18 24.24 12.71 0.56
C LEU C 18 25.34 12.76 1.61
N ARG C 19 25.73 13.96 2.02
CA ARG C 19 26.76 14.16 3.02
C ARG C 19 26.15 14.82 4.25
N LEU C 20 26.45 14.25 5.42
CA LEU C 20 26.00 14.78 6.70
C LEU C 20 27.17 15.45 7.41
N SER C 21 26.87 16.52 8.14
CA SER C 21 27.89 17.28 8.85
C SER C 21 27.51 17.40 10.32
N CYS C 22 28.53 17.55 11.16
CA CYS C 22 28.38 17.65 12.61
C CYS C 22 29.41 18.64 13.13
N VAL C 23 28.95 19.77 13.66
CA VAL C 23 29.83 20.84 14.13
C VAL C 23 29.90 20.78 15.65
N ALA C 24 31.12 20.77 16.18
CA ALA C 24 31.37 20.65 17.61
C ALA C 24 31.83 21.98 18.18
N SER C 25 31.51 22.20 19.46
CA SER C 25 31.91 23.40 20.17
C SER C 25 31.93 23.09 21.66
N GLY C 26 32.64 23.93 22.40
CA GLY C 26 32.74 23.77 23.84
C GLY C 26 33.64 22.65 24.31
N PHE C 27 34.43 22.06 23.41
CA PHE C 27 35.45 21.08 23.82
C PHE C 27 36.47 20.98 22.70
N SER C 28 37.60 20.35 23.03
CA SER C 28 38.71 20.18 22.09
C SER C 28 38.38 19.04 21.14
N PHE C 29 37.78 19.40 20.01
CA PHE C 29 37.37 18.41 19.01
C PHE C 29 38.55 17.60 18.48
N SER C 30 39.74 18.22 18.42
CA SER C 30 40.91 17.54 17.87
C SER C 30 41.35 16.35 18.71
N THR C 31 40.92 16.26 19.96
CA THR C 31 41.43 15.24 20.87
C THR C 31 40.46 14.10 21.11
N TYR C 32 39.29 14.12 20.48
CA TYR C 32 38.24 13.14 20.77
C TYR C 32 37.84 12.38 19.50
N GLY C 33 37.65 11.07 19.65
CA GLY C 33 37.01 10.31 18.61
C GLY C 33 35.54 10.63 18.51
N MET C 34 34.96 10.37 17.34
CA MET C 34 33.59 10.74 17.05
C MET C 34 32.83 9.57 16.43
N HIS C 35 31.53 9.51 16.74
CA HIS C 35 30.64 8.45 16.27
C HIS C 35 29.48 9.02 15.45
N TRP C 36 28.99 8.19 14.52
CA TRP C 36 27.68 8.38 13.92
C TRP C 36 26.77 7.25 14.38
N VAL C 37 25.63 7.62 14.95
CA VAL C 37 24.57 6.67 15.33
C VAL C 37 23.28 7.12 14.65
N ARG C 38 22.42 6.15 14.31
CA ARG C 38 21.16 6.46 13.67
C ARG C 38 20.02 5.71 14.35
N GLN C 39 18.82 6.27 14.24
CA GLN C 39 17.64 5.72 14.87
C GLN C 39 16.45 5.81 13.94
N SER C 40 15.81 4.67 13.70
CA SER C 40 14.58 4.57 12.93
C SER C 40 13.58 3.75 13.72
N PRO C 41 12.28 3.90 13.44
CA PRO C 41 11.30 3.07 14.16
C PRO C 41 11.47 1.57 13.91
N GLY C 42 12.05 1.19 12.77
CA GLY C 42 12.13 -0.20 12.38
C GLY C 42 13.37 -0.94 12.87
N LYS C 43 14.44 -0.23 13.19
CA LYS C 43 15.66 -0.86 13.66
C LYS C 43 16.17 -0.29 14.97
N GLY C 44 15.41 0.61 15.61
CA GLY C 44 15.88 1.18 16.86
C GLY C 44 17.17 1.96 16.67
N LEU C 45 17.92 2.07 17.77
CA LEU C 45 19.22 2.72 17.74
C LEU C 45 20.25 1.78 17.13
N GLU C 46 21.05 2.30 16.22
CA GLU C 46 21.99 1.50 15.44
C GLU C 46 23.28 2.28 15.28
N TRP C 47 24.38 1.74 15.80
CA TRP C 47 25.69 2.35 15.56
C TRP C 47 26.03 2.27 14.07
N VAL C 48 26.67 3.32 13.56
CA VAL C 48 26.95 3.47 12.14
C VAL C 48 28.45 3.51 11.87
N ALA C 49 29.18 4.38 12.59
CA ALA C 49 30.60 4.55 12.27
C ALA C 49 31.31 5.26 13.42
N ILE C 50 32.61 5.04 13.50
CA ILE C 50 33.50 5.76 14.40
C ILE C 50 34.74 6.18 13.62
N ILE C 51 35.29 7.33 13.98
CA ILE C 51 36.54 7.82 13.41
C ILE C 51 37.45 8.27 14.54
N TRP C 52 38.73 7.91 14.45
CA TRP C 52 39.70 8.26 15.46
C TRP C 52 39.95 9.77 15.50
N TYR C 53 40.57 10.22 16.59
CA TYR C 53 40.79 11.65 16.79
C TYR C 53 41.54 12.28 15.62
N ASP C 54 42.53 11.56 15.07
CA ASP C 54 43.36 12.08 14.00
C ASP C 54 42.88 11.66 12.61
N GLY C 55 41.62 11.21 12.50
CA GLY C 55 41.08 10.82 11.23
C GLY C 55 41.69 9.57 10.62
N GLY C 56 42.51 8.84 11.37
CA GLY C 56 43.13 7.63 10.85
C GLY C 56 42.20 6.44 10.88
N ASN C 57 42.08 5.79 12.04
CA ASN C 57 41.25 4.61 12.15
C ASN C 57 39.78 4.95 11.94
N LYS C 58 39.11 4.11 11.13
CA LYS C 58 37.69 4.26 10.83
C LYS C 58 37.07 2.88 10.82
N PHE C 59 35.92 2.73 11.48
CA PHE C 59 35.20 1.47 11.49
C PHE C 59 33.72 1.73 11.24
N TYR C 60 33.06 0.76 10.61
CA TYR C 60 31.69 0.90 10.15
C TYR C 60 30.89 -0.33 10.54
N ALA C 61 29.58 -0.15 10.63
CA ALA C 61 28.67 -1.28 10.76
C ALA C 61 28.59 -2.02 9.43
N ASP C 62 28.41 -3.34 9.51
CA ASP C 62 28.30 -4.17 8.32
C ASP C 62 27.19 -3.66 7.40
N SER C 63 26.14 -3.09 7.97
CA SER C 63 25.00 -2.63 7.19
C SER C 63 25.32 -1.46 6.29
N VAL C 64 26.41 -0.73 6.56
CA VAL C 64 26.76 0.45 5.78
C VAL C 64 28.16 0.37 5.17
N GLN C 65 28.90 -0.70 5.44
CA GLN C 65 30.28 -0.77 4.96
C GLN C 65 30.31 -0.98 3.45
N GLY C 66 31.24 -0.29 2.79
CA GLY C 66 31.31 -0.24 1.36
C GLY C 66 30.47 0.85 0.73
N ARG C 67 29.48 1.37 1.44
CA ARG C 67 28.63 2.44 0.97
C ARG C 67 28.85 3.77 1.68
N PHE C 68 29.17 3.75 2.97
CA PHE C 68 29.37 4.95 3.75
C PHE C 68 30.85 5.20 4.00
N THR C 69 31.20 6.45 4.27
CA THR C 69 32.57 6.84 4.56
C THR C 69 32.57 8.01 5.53
N VAL C 70 33.21 7.83 6.68
CA VAL C 70 33.31 8.86 7.69
C VAL C 70 34.63 9.59 7.52
N SER C 71 34.60 10.89 7.79
CA SER C 71 35.78 11.74 7.66
C SER C 71 35.65 12.90 8.63
N ARG C 72 36.69 13.72 8.71
CA ARG C 72 36.65 14.88 9.59
C ARG C 72 37.69 15.91 9.16
N ASP C 73 37.57 17.10 9.74
CA ASP C 73 38.48 18.21 9.49
C ASP C 73 38.61 18.91 10.84
N ASN C 74 39.68 18.58 11.57
CA ASN C 74 39.82 19.11 12.93
C ASN C 74 39.99 20.62 12.93
N SER C 75 40.42 21.20 11.81
CA SER C 75 40.54 22.66 11.73
C SER C 75 39.19 23.33 11.82
N LYS C 76 38.16 22.71 11.23
CA LYS C 76 36.82 23.27 11.23
C LYS C 76 35.93 22.71 12.33
N ASN C 77 36.47 21.85 13.20
CA ASN C 77 35.70 21.17 14.24
C ASN C 77 34.46 20.49 13.66
N THR C 78 34.65 19.76 12.56
CA THR C 78 33.52 19.23 11.81
C THR C 78 33.74 17.76 11.47
N LEU C 79 32.74 16.94 11.80
CA LEU C 79 32.67 15.54 11.43
C LEU C 79 31.74 15.37 10.23
N TYR C 80 32.08 14.43 9.34
CA TYR C 80 31.34 14.22 8.10
C TYR C 80 30.97 12.75 7.94
N LEU C 81 29.84 12.54 7.26
CA LEU C 81 29.41 11.20 6.85
C LEU C 81 28.95 11.27 5.40
N GLN C 82 29.70 10.59 4.52
CA GLN C 82 29.33 10.49 3.11
C GLN C 82 28.53 9.22 2.90
N MET C 83 27.30 9.38 2.41
CA MET C 83 26.36 8.28 2.21
C MET C 83 26.15 8.08 0.72
N ASN C 84 26.65 6.97 0.18
CA ASN C 84 26.47 6.61 -1.21
C ASN C 84 25.54 5.41 -1.31
N SER C 85 24.96 5.24 -2.49
CA SER C 85 24.04 4.13 -2.78
C SER C 85 22.96 4.02 -1.72
N LEU C 86 22.37 5.17 -1.39
CA LEU C 86 21.33 5.21 -0.37
C LEU C 86 20.15 4.34 -0.78
N ARG C 87 19.58 3.65 0.21
CA ARG C 87 18.37 2.85 0.00
C ARG C 87 17.39 3.15 1.11
N ALA C 88 16.19 2.56 0.97
CA ALA C 88 15.09 2.93 1.86
C ALA C 88 15.40 2.55 3.30
N GLU C 89 16.11 1.44 3.51
CA GLU C 89 16.44 1.01 4.87
C GLU C 89 17.38 1.97 5.58
N ASP C 90 17.86 3.00 4.90
CA ASP C 90 18.72 4.01 5.51
C ASP C 90 17.94 5.20 6.06
N THR C 91 16.62 5.21 5.91
CA THR C 91 15.80 6.25 6.51
C THR C 91 15.93 6.21 8.03
N ALA C 92 16.36 7.33 8.63
CA ALA C 92 16.56 7.40 10.07
C ALA C 92 16.90 8.83 10.44
N VAL C 93 16.87 9.10 11.75
CA VAL C 93 17.50 10.28 12.33
C VAL C 93 18.95 9.93 12.61
N TYR C 94 19.88 10.73 12.08
CA TYR C 94 21.30 10.47 12.23
C TYR C 94 21.86 11.36 13.34
N TYR C 95 22.43 10.74 14.36
CA TYR C 95 23.04 11.43 15.48
C TYR C 95 24.55 11.34 15.41
N CYS C 96 25.20 12.41 15.80
CA CYS C 96 26.65 12.48 15.98
CA CYS C 96 26.65 12.39 15.98
C CYS C 96 26.96 12.41 17.47
N ALA C 97 27.98 11.64 17.86
CA ALA C 97 28.27 11.43 19.26
C ALA C 97 29.77 11.50 19.53
N LYS C 98 30.12 12.09 20.66
CA LYS C 98 31.49 12.23 21.11
C LYS C 98 31.89 11.04 21.99
N ALA C 99 33.11 10.56 21.78
CA ALA C 99 33.59 9.41 22.55
C ALA C 99 33.86 9.81 23.99
N TYR C 100 33.82 8.81 24.88
CA TYR C 100 34.04 9.07 26.30
C TYR C 100 35.50 9.45 26.54
N ARG C 101 35.73 10.10 27.68
CA ARG C 101 37.03 10.67 27.96
C ARG C 101 38.09 9.59 28.20
N THR C 102 39.35 9.95 27.96
CA THR C 102 40.46 9.03 28.16
C THR C 102 40.58 8.65 29.63
N SER C 103 40.77 7.36 29.89
CA SER C 103 41.00 6.89 31.24
C SER C 103 41.93 5.68 31.16
N LEU C 104 41.95 4.86 32.21
CA LEU C 104 42.62 3.58 32.18
C LEU C 104 41.73 2.47 31.65
N ASP C 105 40.47 2.78 31.34
CA ASP C 105 39.60 1.82 30.69
C ASP C 105 40.21 1.32 29.39
N LYS C 106 39.94 0.06 29.06
CA LYS C 106 40.32 -0.51 27.78
C LYS C 106 39.20 -0.48 26.75
N LYS C 107 38.00 -0.08 27.16
CA LYS C 107 36.81 -0.04 26.30
C LYS C 107 36.14 1.32 26.45
N TYR C 108 35.68 1.89 25.33
CA TYR C 108 35.19 3.26 25.33
C TYR C 108 33.83 3.35 24.65
N GLY C 109 32.91 4.06 25.32
CA GLY C 109 31.60 4.36 24.77
C GLY C 109 31.48 5.79 24.32
N MET C 110 30.30 6.39 24.50
CA MET C 110 30.04 7.76 24.08
C MET C 110 29.39 8.52 25.23
N ASP C 111 29.58 9.84 25.26
CA ASP C 111 28.94 10.65 26.30
C ASP C 111 27.91 11.62 25.71
N VAL C 112 28.31 12.63 24.94
CA VAL C 112 27.39 13.64 24.47
C VAL C 112 27.00 13.38 23.02
N TRP C 113 25.71 13.45 22.73
CA TRP C 113 25.16 13.36 21.38
C TRP C 113 24.59 14.71 20.94
N GLY C 114 24.43 14.84 19.62
CA GLY C 114 23.83 16.02 19.03
C GLY C 114 22.33 15.89 18.84
N GLN C 115 21.74 16.94 18.28
CA GLN C 115 20.28 16.98 18.19
CA GLN C 115 20.28 17.01 18.17
C GLN C 115 19.74 16.02 17.13
N GLY C 116 20.53 15.71 16.13
CA GLY C 116 20.09 14.76 15.12
C GLY C 116 19.60 15.43 13.85
N THR C 117 19.93 14.82 12.71
CA THR C 117 19.47 15.27 11.42
C THR C 117 18.71 14.13 10.74
N THR C 118 17.64 14.47 10.06
CA THR C 118 16.71 13.50 9.51
C THR C 118 17.02 13.24 8.04
N VAL C 119 17.18 11.97 7.69
CA VAL C 119 17.37 11.54 6.31
C VAL C 119 16.19 10.65 5.94
N THR C 120 15.50 11.01 4.87
CA THR C 120 14.36 10.24 4.38
C THR C 120 14.65 9.83 2.94
N VAL C 121 14.86 8.54 2.73
CA VAL C 121 15.05 7.98 1.39
C VAL C 121 13.70 7.46 0.93
N SER C 122 13.13 8.09 -0.10
CA SER C 122 11.82 7.71 -0.60
C SER C 122 11.72 8.04 -2.09
N SER C 123 11.09 7.13 -2.84
CA SER C 123 10.87 7.36 -4.26
C SER C 123 9.81 8.41 -4.54
N ALA C 124 9.14 8.91 -3.51
CA ALA C 124 8.06 9.87 -3.71
C ALA C 124 8.60 11.24 -4.09
N SER C 125 7.79 11.97 -4.84
CA SER C 125 8.06 13.35 -5.20
C SER C 125 7.17 14.28 -4.38
N THR C 126 7.60 15.53 -4.27
CA THR C 126 6.91 16.49 -3.41
C THR C 126 5.49 16.72 -3.92
N LYS C 127 4.53 16.69 -2.99
CA LYS C 127 3.11 16.86 -3.31
C LYS C 127 2.43 17.62 -2.19
N GLY C 128 1.57 18.57 -2.58
CA GLY C 128 0.78 19.31 -1.64
C GLY C 128 -0.40 18.51 -1.12
N PRO C 129 -0.82 18.80 0.10
CA PRO C 129 -1.88 18.01 0.72
C PRO C 129 -3.25 18.36 0.18
N SER C 130 -4.15 17.38 0.24
CA SER C 130 -5.57 17.59 0.04
C SER C 130 -6.26 17.63 1.40
N VAL C 131 -7.00 18.71 1.66
CA VAL C 131 -7.61 18.98 2.96
C VAL C 131 -9.11 18.76 2.85
N PHE C 132 -9.61 17.76 3.57
CA PHE C 132 -11.03 17.42 3.58
C PHE C 132 -11.61 17.66 4.96
N PRO C 133 -12.86 18.12 5.03
CA PRO C 133 -13.46 18.43 6.34
C PRO C 133 -13.89 17.19 7.08
N LEU C 134 -13.64 17.19 8.40
CA LEU C 134 -14.20 16.21 9.32
C LEU C 134 -15.41 16.87 9.97
N ALA C 135 -16.55 16.74 9.30
CA ALA C 135 -17.71 17.57 9.61
C ALA C 135 -18.34 17.15 10.93
N PRO C 136 -18.69 18.08 11.81
CA PRO C 136 -19.43 17.71 13.02
C PRO C 136 -20.86 17.33 12.69
N SER C 137 -21.44 16.48 13.52
CA SER C 137 -22.79 15.99 13.31
C SER C 137 -23.31 15.44 14.62
N SER C 138 -24.53 14.91 14.59
CA SER C 138 -25.08 14.23 15.76
C SER C 138 -24.20 13.05 16.17
N LYS C 139 -23.37 12.55 15.27
CA LYS C 139 -22.52 11.40 15.51
C LYS C 139 -21.12 11.77 15.95
N SER C 140 -20.79 13.05 16.04
CA SER C 140 -19.54 13.48 16.65
C SER C 140 -19.83 14.42 17.81
N THR C 141 -20.78 14.05 18.66
CA THR C 141 -21.09 14.77 19.88
C THR C 141 -20.93 13.84 21.09
N SER C 142 -20.76 14.44 22.26
CA SER C 142 -20.69 13.71 23.51
C SER C 142 -21.17 14.66 24.60
N GLY C 143 -22.36 14.41 25.14
CA GLY C 143 -22.96 15.37 26.04
C GLY C 143 -23.18 16.68 25.32
N GLY C 144 -22.65 17.77 25.89
CA GLY C 144 -22.77 19.09 25.31
C GLY C 144 -21.60 19.52 24.45
N THR C 145 -20.65 18.63 24.17
CA THR C 145 -19.49 18.94 23.34
C THR C 145 -19.60 18.22 22.01
N ALA C 146 -19.01 18.84 20.97
CA ALA C 146 -18.99 18.29 19.63
C ALA C 146 -17.58 18.35 19.08
N ALA C 147 -17.23 17.36 18.26
CA ALA C 147 -15.91 17.26 17.65
C ALA C 147 -15.99 17.57 16.17
N LEU C 148 -14.89 18.11 15.64
CA LEU C 148 -14.78 18.45 14.23
C LEU C 148 -13.30 18.52 13.91
N GLY C 149 -12.97 18.48 12.63
CA GLY C 149 -11.57 18.55 12.25
C GLY C 149 -11.33 18.66 10.77
N CYS C 150 -10.09 18.36 10.39
CA CYS C 150 -9.64 18.40 9.00
CA CYS C 150 -9.68 18.36 9.00
C CYS C 150 -8.81 17.15 8.72
N LEU C 151 -9.00 16.56 7.55
CA LEU C 151 -8.20 15.44 7.10
C LEU C 151 -7.17 15.96 6.10
N VAL C 152 -5.90 15.85 6.45
CA VAL C 152 -4.80 16.33 5.62
C VAL C 152 -4.16 15.10 5.00
N LYS C 153 -4.52 14.82 3.75
CA LYS C 153 -4.25 13.53 3.12
C LYS C 153 -3.34 13.68 1.91
N ASP C 154 -2.51 12.65 1.70
CA ASP C 154 -1.70 12.49 0.49
C ASP C 154 -0.80 13.72 0.28
N TYR C 155 0.16 13.85 1.19
CA TYR C 155 1.16 14.91 1.11
C TYR C 155 2.54 14.31 1.33
N PHE C 156 3.54 14.96 0.74
CA PHE C 156 4.93 14.56 0.82
C PHE C 156 5.77 15.81 0.59
N PRO C 157 6.86 15.99 1.35
CA PRO C 157 7.25 15.20 2.52
C PRO C 157 6.78 15.86 3.80
N GLU C 158 7.24 15.36 4.95
CA GLU C 158 6.99 16.01 6.22
C GLU C 158 7.73 17.35 6.26
N PRO C 159 7.26 18.30 7.09
CA PRO C 159 6.05 18.27 7.92
C PRO C 159 4.92 19.12 7.34
N VAL C 160 3.74 19.03 7.93
CA VAL C 160 2.71 20.05 7.75
C VAL C 160 2.41 20.65 9.11
N THR C 161 1.99 21.91 9.10
CA THR C 161 1.53 22.59 10.30
C THR C 161 0.04 22.88 10.16
N VAL C 162 -0.68 22.74 11.27
CA VAL C 162 -2.11 23.02 11.29
C VAL C 162 -2.41 23.93 12.47
N SER C 163 -3.11 25.03 12.21
CA SER C 163 -3.69 25.87 13.23
C SER C 163 -5.19 25.98 12.98
N TRP C 164 -5.90 26.56 13.94
CA TRP C 164 -7.35 26.73 13.84
C TRP C 164 -7.70 28.19 14.09
N ASN C 165 -8.51 28.75 13.19
CA ASN C 165 -8.93 30.15 13.25
C ASN C 165 -7.73 31.09 13.34
N SER C 166 -6.71 30.79 12.51
CA SER C 166 -5.52 31.63 12.37
C SER C 166 -4.72 31.70 13.66
N GLY C 167 -4.84 30.68 14.52
CA GLY C 167 -4.11 30.63 15.77
C GLY C 167 -4.84 31.19 16.97
N ALA C 168 -6.04 31.74 16.78
CA ALA C 168 -6.81 32.31 17.88
C ALA C 168 -7.63 31.29 18.64
N LEU C 169 -7.60 30.02 18.22
CA LEU C 169 -8.24 28.91 18.93
C LEU C 169 -7.16 27.89 19.24
N THR C 170 -6.82 27.74 20.51
CA THR C 170 -5.75 26.84 20.91
C THR C 170 -6.22 25.68 21.77
N SER C 171 -7.14 25.91 22.71
CA SER C 171 -7.60 24.84 23.57
C SER C 171 -8.40 23.81 22.77
N GLY C 172 -8.27 22.55 23.19
CA GLY C 172 -9.05 21.46 22.64
C GLY C 172 -8.57 20.90 21.33
N VAL C 173 -7.35 21.21 20.91
CA VAL C 173 -6.84 20.83 19.60
C VAL C 173 -5.87 19.67 19.76
N HIS C 174 -6.07 18.62 18.95
CA HIS C 174 -5.17 17.48 18.87
C HIS C 174 -4.83 17.26 17.40
N THR C 175 -3.62 17.65 16.99
CA THR C 175 -3.09 17.27 15.69
C THR C 175 -2.39 15.93 15.86
N PHE C 176 -2.68 15.01 14.98
CA PHE C 176 -2.16 13.68 15.21
C PHE C 176 -0.86 13.45 14.46
N PRO C 177 0.00 12.58 14.97
CA PRO C 177 1.22 12.23 14.22
C PRO C 177 0.86 11.64 12.87
N ALA C 178 1.61 12.06 11.84
CA ALA C 178 1.32 11.62 10.49
C ALA C 178 1.65 10.14 10.34
N VAL C 179 0.79 9.43 9.61
CA VAL C 179 1.01 8.04 9.26
C VAL C 179 1.45 7.97 7.81
N LEU C 180 2.37 7.07 7.51
CA LEU C 180 2.88 6.86 6.16
C LEU C 180 2.02 5.79 5.49
N GLN C 181 1.23 6.21 4.50
CA GLN C 181 0.40 5.27 3.76
C GLN C 181 1.27 4.39 2.87
N SER C 182 0.68 3.29 2.41
CA SER C 182 1.40 2.38 1.53
C SER C 182 1.74 3.01 0.19
N SER C 183 1.07 4.10 -0.17
CA SER C 183 1.41 4.81 -1.40
C SER C 183 2.75 5.52 -1.29
N GLY C 184 3.27 5.72 -0.09
CA GLY C 184 4.43 6.54 0.13
C GLY C 184 4.13 7.98 0.46
N LEU C 185 2.86 8.34 0.65
CA LEU C 185 2.44 9.67 1.01
C LEU C 185 1.92 9.68 2.44
N TYR C 186 2.08 10.82 3.10
CA TYR C 186 1.66 10.95 4.49
C TYR C 186 0.23 11.48 4.57
N SER C 187 -0.39 11.24 5.72
CA SER C 187 -1.74 11.72 6.00
C SER C 187 -1.88 11.88 7.50
N LEU C 188 -2.51 12.98 7.91
CA LEU C 188 -2.78 13.23 9.31
C LEU C 188 -4.12 13.91 9.46
N SER C 189 -4.62 13.91 10.69
CA SER C 189 -5.85 14.60 11.04
C SER C 189 -5.60 15.53 12.22
N SER C 190 -6.27 16.68 12.19
CA SER C 190 -6.30 17.62 13.29
C SER C 190 -7.76 17.84 13.67
N VAL C 191 -8.04 17.76 14.98
CA VAL C 191 -9.39 17.84 15.50
C VAL C 191 -9.42 18.80 16.69
N VAL C 192 -10.61 19.33 16.95
CA VAL C 192 -10.85 20.26 18.04
C VAL C 192 -12.25 19.98 18.57
N THR C 193 -12.37 19.96 19.90
CA THR C 193 -13.64 19.70 20.58
CA THR C 193 -13.64 19.71 20.57
C THR C 193 -14.18 21.01 21.15
N VAL C 194 -15.37 21.39 20.69
CA VAL C 194 -15.98 22.68 21.01
C VAL C 194 -17.39 22.48 21.57
N PRO C 195 -17.99 23.49 22.19
CA PRO C 195 -19.37 23.34 22.66
C PRO C 195 -20.33 23.14 21.49
N SER C 196 -21.26 22.20 21.66
CA SER C 196 -22.28 21.98 20.64
C SER C 196 -23.01 23.27 20.28
N SER C 197 -23.37 24.05 21.31
CA SER C 197 -24.18 25.25 21.09
C SER C 197 -23.47 26.31 20.28
N SER C 198 -22.15 26.20 20.10
CA SER C 198 -21.40 27.21 19.37
C SER C 198 -21.51 27.04 17.86
N LEU C 199 -21.88 25.85 17.37
CA LEU C 199 -21.80 25.55 15.95
C LEU C 199 -22.73 26.43 15.11
N GLY C 200 -23.73 27.07 15.72
CA GLY C 200 -24.62 27.92 14.96
C GLY C 200 -24.03 29.29 14.64
N THR C 201 -23.21 29.82 15.55
CA THR C 201 -22.64 31.16 15.39
C THR C 201 -21.14 31.16 15.19
N GLN C 202 -20.41 30.21 15.78
CA GLN C 202 -18.96 30.18 15.67
C GLN C 202 -18.52 29.58 14.35
N THR C 203 -17.52 30.21 13.73
CA THR C 203 -16.94 29.76 12.47
C THR C 203 -15.59 29.12 12.75
N TYR C 204 -15.41 27.88 12.31
CA TYR C 204 -14.20 27.11 12.56
C TYR C 204 -13.48 26.83 11.25
N ILE C 205 -12.23 27.25 11.17
CA ILE C 205 -11.43 27.14 9.94
C ILE C 205 -10.05 26.62 10.32
N CYS C 206 -9.72 25.42 9.89
CA CYS C 206 -8.37 24.90 10.03
C CYS C 206 -7.47 25.53 8.97
N ASN C 207 -6.31 26.02 9.40
CA ASN C 207 -5.32 26.56 8.48
C ASN C 207 -4.20 25.54 8.35
N VAL C 208 -3.97 25.09 7.12
CA VAL C 208 -2.98 24.06 6.83
C VAL C 208 -1.84 24.68 6.05
N ASN C 209 -0.61 24.47 6.51
CA ASN C 209 0.58 24.98 5.84
C ASN C 209 1.50 23.81 5.55
N HIS C 210 1.86 23.64 4.27
CA HIS C 210 2.85 22.66 3.84
C HIS C 210 3.93 23.44 3.08
N LYS C 211 4.92 23.91 3.83
CA LYS C 211 5.96 24.75 3.25
C LYS C 211 6.71 24.11 2.09
N PRO C 212 7.00 22.80 2.07
CA PRO C 212 7.69 22.24 0.89
C PRO C 212 6.97 22.45 -0.43
N SER C 213 5.67 22.70 -0.42
CA SER C 213 4.92 22.94 -1.64
C SER C 213 4.25 24.31 -1.67
N ASN C 214 4.59 25.19 -0.70
CA ASN C 214 3.96 26.50 -0.58
CA ASN C 214 3.96 26.51 -0.59
C ASN C 214 2.44 26.39 -0.64
N THR C 215 1.90 25.35 0.01
CA THR C 215 0.48 25.11 0.04
C THR C 215 -0.06 25.58 1.38
N LYS C 216 -0.86 26.63 1.36
CA LYS C 216 -1.65 27.04 2.51
C LYS C 216 -3.12 26.95 2.15
N VAL C 217 -3.87 26.19 2.94
CA VAL C 217 -5.29 25.96 2.71
C VAL C 217 -6.04 26.34 3.97
N ASP C 218 -6.87 27.37 3.89
CA ASP C 218 -7.82 27.71 4.94
C ASP C 218 -9.15 27.07 4.58
N LYS C 219 -9.53 26.03 5.33
CA LYS C 219 -10.72 25.25 5.04
C LYS C 219 -11.72 25.44 6.17
N LYS C 220 -12.86 26.05 5.86
CA LYS C 220 -13.96 26.11 6.82
C LYS C 220 -14.61 24.74 6.90
N VAL C 221 -14.97 24.33 8.12
CA VAL C 221 -15.58 23.03 8.37
C VAL C 221 -17.04 23.27 8.72
N GLU C 222 -17.94 22.82 7.85
CA GLU C 222 -19.35 23.04 8.08
C GLU C 222 -20.00 21.78 8.65
N PRO C 223 -21.01 21.95 9.51
CA PRO C 223 -21.75 20.79 10.01
C PRO C 223 -22.41 20.02 8.87
N LYS C 224 -22.73 18.76 9.16
CA LYS C 224 -23.48 17.88 8.28
C LYS C 224 -24.86 17.65 8.88
N SER C 225 -25.88 17.58 8.02
CA SER C 225 -27.25 17.31 8.48
C SER C 225 -27.44 15.81 8.70
N CYS C 226 -26.84 15.32 9.77
CA CYS C 226 -27.01 13.92 10.19
C CYS C 226 -26.69 13.73 11.66
N ASP D 1 28.38 -6.66 18.27
CA ASP D 1 28.14 -8.05 17.91
C ASP D 1 27.51 -8.82 19.06
N ILE D 2 26.96 -8.09 20.01
CA ILE D 2 26.30 -8.63 21.19
C ILE D 2 24.89 -8.05 21.23
N GLN D 3 23.90 -8.91 21.47
CA GLN D 3 22.51 -8.50 21.48
C GLN D 3 22.09 -8.13 22.90
N MET D 4 21.44 -6.97 23.03
CA MET D 4 20.94 -6.47 24.31
C MET D 4 19.42 -6.51 24.28
N THR D 5 18.82 -7.09 25.33
CA THR D 5 17.37 -7.21 25.45
C THR D 5 16.92 -6.59 26.76
N GLN D 6 16.01 -5.62 26.67
CA GLN D 6 15.46 -4.93 27.83
C GLN D 6 14.09 -5.49 28.19
N SER D 7 13.74 -5.38 29.47
CA SER D 7 12.41 -5.68 29.97
C SER D 7 12.16 -4.86 31.23
N PRO D 8 10.94 -4.36 31.42
CA PRO D 8 9.79 -4.45 30.50
C PRO D 8 9.98 -3.61 29.25
N SER D 9 9.17 -3.86 28.23
CA SER D 9 9.18 -2.94 27.09
C SER D 9 8.42 -1.66 27.41
N THR D 10 7.35 -1.75 28.19
CA THR D 10 6.61 -0.57 28.62
CA THR D 10 6.58 -0.58 28.61
C THR D 10 6.23 -0.71 30.09
N LEU D 11 6.26 0.42 30.79
CA LEU D 11 6.04 0.47 32.23
C LEU D 11 5.15 1.66 32.55
N SER D 12 4.01 1.39 33.19
CA SER D 12 3.09 2.42 33.67
C SER D 12 3.27 2.57 35.16
N ALA D 13 3.66 3.76 35.61
CA ALA D 13 3.97 3.99 37.01
C ALA D 13 3.58 5.41 37.40
N SER D 14 3.27 5.57 38.68
CA SER D 14 2.89 6.86 39.24
C SER D 14 4.12 7.62 39.71
N VAL D 15 3.97 8.94 39.81
CA VAL D 15 5.00 9.78 40.41
C VAL D 15 5.28 9.29 41.82
N GLY D 16 6.57 9.17 42.14
CA GLY D 16 6.99 8.68 43.44
C GLY D 16 7.26 7.20 43.53
N ASP D 17 6.86 6.42 42.53
CA ASP D 17 7.09 4.99 42.55
C ASP D 17 8.56 4.67 42.31
N ARG D 18 9.02 3.56 42.89
CA ARG D 18 10.31 2.98 42.54
C ARG D 18 10.12 2.12 41.30
N VAL D 19 11.00 2.28 40.31
CA VAL D 19 10.93 1.49 39.10
C VAL D 19 12.29 0.84 38.84
N THR D 20 12.25 -0.31 38.17
CA THR D 20 13.43 -1.12 37.91
C THR D 20 13.37 -1.64 36.48
N ILE D 21 14.42 -1.38 35.71
CA ILE D 21 14.54 -1.84 34.35
C ILE D 21 15.74 -2.78 34.25
N THR D 22 15.55 -3.93 33.62
CA THR D 22 16.61 -4.90 33.43
C THR D 22 17.06 -4.92 31.98
N CYS D 23 18.37 -5.17 31.79
CA CYS D 23 18.98 -5.32 30.48
C CYS D 23 19.84 -6.58 30.50
N ARG D 24 19.67 -7.42 29.49
CA ARG D 24 20.38 -8.70 29.41
C ARG D 24 21.22 -8.75 28.15
N ALA D 25 22.43 -9.28 28.29
CA ALA D 25 23.38 -9.36 27.19
C ALA D 25 23.54 -10.80 26.74
N SER D 26 23.61 -11.00 25.42
CA SER D 26 23.77 -12.33 24.86
C SER D 26 25.04 -13.02 25.32
N GLN D 27 26.04 -12.26 25.77
CA GLN D 27 27.24 -12.82 26.36
C GLN D 27 27.85 -11.75 27.25
N SER D 28 28.84 -12.15 28.04
CA SER D 28 29.39 -11.26 29.05
C SER D 28 29.99 -10.01 28.42
N ILE D 29 29.57 -8.85 28.93
CA ILE D 29 30.14 -7.56 28.59
C ILE D 29 30.90 -6.96 29.77
N ALA D 30 31.13 -7.75 30.82
CA ALA D 30 31.78 -7.33 32.07
C ALA D 30 30.96 -6.18 32.64
N SER D 31 31.51 -4.96 32.78
CA SER D 31 30.73 -3.80 33.22
C SER D 31 30.68 -2.72 32.15
N TRP D 32 30.95 -3.08 30.89
CA TRP D 32 30.94 -2.12 29.78
C TRP D 32 29.51 -1.94 29.29
N LEU D 33 28.74 -1.21 30.09
CA LEU D 33 27.32 -1.01 29.85
C LEU D 33 26.94 0.42 30.21
N ALA D 34 26.20 1.07 29.32
CA ALA D 34 25.73 2.44 29.54
C ALA D 34 24.21 2.47 29.50
N TRP D 35 23.63 3.39 30.28
CA TRP D 35 22.21 3.64 30.29
C TRP D 35 21.91 5.03 29.77
N TYR D 36 20.90 5.13 28.90
CA TYR D 36 20.50 6.39 28.28
C TYR D 36 19.04 6.67 28.54
N GLN D 37 18.70 7.96 28.57
CA GLN D 37 17.32 8.42 28.65
C GLN D 37 17.02 9.25 27.40
N GLN D 38 15.89 8.99 26.76
CA GLN D 38 15.51 9.71 25.55
C GLN D 38 14.07 10.17 25.65
N LYS D 39 13.86 11.46 25.42
CA LYS D 39 12.52 12.02 25.32
C LYS D 39 12.18 12.31 23.87
N PRO D 40 10.88 12.30 23.53
CA PRO D 40 10.48 12.40 22.11
C PRO D 40 11.02 13.65 21.45
N GLY D 41 11.56 13.45 20.24
CA GLY D 41 12.14 14.53 19.47
C GLY D 41 13.46 15.04 19.99
N LYS D 42 14.05 14.38 20.98
CA LYS D 42 15.31 14.78 21.59
C LYS D 42 16.34 13.67 21.45
N ALA D 43 17.59 14.04 21.66
CA ALA D 43 18.67 13.08 21.59
C ALA D 43 18.73 12.23 22.86
N PRO D 44 19.29 11.02 22.76
CA PRO D 44 19.57 10.26 23.98
C PRO D 44 20.56 10.99 24.86
N LYS D 45 20.36 10.89 26.18
CA LYS D 45 21.24 11.51 27.16
C LYS D 45 21.80 10.43 28.08
N LEU D 46 23.11 10.46 28.31
CA LEU D 46 23.77 9.45 29.12
C LEU D 46 23.48 9.70 30.60
N LEU D 47 23.02 8.67 31.30
CA LEU D 47 22.76 8.73 32.72
C LEU D 47 23.80 7.97 33.55
N ILE D 48 24.16 6.77 33.11
CA ILE D 48 25.04 5.89 33.87
C ILE D 48 26.03 5.26 32.90
N TYR D 49 27.31 5.25 33.29
CA TYR D 49 28.41 4.72 32.49
C TYR D 49 29.13 3.64 33.29
N LYS D 50 29.64 2.64 32.58
CA LYS D 50 30.31 1.49 33.18
C LYS D 50 29.44 0.87 34.27
N ALA D 51 28.13 0.75 33.98
CA ALA D 51 27.14 0.01 34.76
C ALA D 51 26.68 0.73 36.03
N SER D 52 27.57 1.38 36.76
CA SER D 52 27.20 1.90 38.08
C SER D 52 27.52 3.36 38.33
N SER D 53 28.24 4.04 37.43
CA SER D 53 28.74 5.38 37.70
C SER D 53 27.75 6.42 37.17
N LEU D 54 27.23 7.26 38.07
CA LEU D 54 26.26 8.29 37.70
C LEU D 54 26.94 9.47 37.00
N GLU D 55 26.49 9.81 35.80
CA GLU D 55 27.10 10.96 35.14
C GLU D 55 26.91 12.23 35.98
N SER D 56 27.86 13.15 35.85
CA SER D 56 27.77 14.43 36.54
C SER D 56 26.47 15.13 36.21
N GLY D 57 25.74 15.56 37.25
CA GLY D 57 24.52 16.30 37.07
C GLY D 57 23.26 15.46 36.95
N VAL D 58 23.35 14.15 37.01
CA VAL D 58 22.18 13.28 36.94
C VAL D 58 21.74 12.98 38.38
N PRO D 59 20.47 13.21 38.71
CA PRO D 59 20.01 13.03 40.09
C PRO D 59 20.33 11.64 40.65
N SER D 60 20.63 11.60 41.95
CA SER D 60 21.02 10.36 42.60
C SER D 60 19.88 9.36 42.73
N ARG D 61 18.64 9.76 42.45
CA ARG D 61 17.56 8.78 42.41
C ARG D 61 17.80 7.71 41.34
N PHE D 62 18.68 7.99 40.38
CA PHE D 62 19.07 7.02 39.35
C PHE D 62 20.27 6.20 39.83
N SER D 63 20.23 4.89 39.61
CA SER D 63 21.36 4.02 39.93
C SER D 63 21.32 2.79 39.02
N GLY D 64 22.50 2.28 38.72
CA GLY D 64 22.65 1.09 37.89
C GLY D 64 23.51 0.06 38.60
N SER D 65 23.23 -1.21 38.30
CA SER D 65 23.90 -2.32 38.94
CA SER D 65 23.87 -2.34 38.95
C SER D 65 24.05 -3.48 37.97
N GLY D 66 25.00 -4.35 38.28
CA GLY D 66 25.17 -5.59 37.56
C GLY D 66 26.55 -5.73 36.94
N SER D 67 26.80 -6.95 36.47
CA SER D 67 28.03 -7.32 35.78
C SER D 67 27.73 -8.53 34.91
N GLY D 68 28.54 -8.71 33.86
CA GLY D 68 28.43 -9.88 33.00
C GLY D 68 27.24 -9.82 32.06
N THR D 69 26.14 -10.51 32.38
CA THR D 69 25.00 -10.61 31.46
C THR D 69 23.73 -9.91 31.94
N GLU D 70 23.60 -9.62 33.23
CA GLU D 70 22.39 -9.05 33.82
CA GLU D 70 22.38 -9.04 33.78
C GLU D 70 22.69 -7.70 34.46
N PHE D 71 21.91 -6.68 34.07
CA PHE D 71 22.11 -5.28 34.47
C PHE D 71 20.76 -4.67 34.78
N THR D 72 20.73 -3.72 35.73
CA THR D 72 19.50 -3.10 36.19
CA THR D 72 19.50 -3.10 36.19
C THR D 72 19.69 -1.61 36.39
N LEU D 73 18.75 -0.83 35.84
CA LEU D 73 18.62 0.60 36.08
C LEU D 73 17.45 0.81 37.03
N THR D 74 17.71 1.49 38.15
CA THR D 74 16.71 1.73 39.18
C THR D 74 16.48 3.22 39.31
N ILE D 75 15.22 3.63 39.34
CA ILE D 75 14.81 4.96 39.76
C ILE D 75 14.08 4.81 41.09
N SER D 76 14.65 5.39 42.15
CA SER D 76 14.12 5.15 43.48
C SER D 76 12.78 5.84 43.72
N SER D 77 12.54 6.96 43.04
CA SER D 77 11.29 7.70 43.21
C SER D 77 11.07 8.57 41.97
N LEU D 78 10.04 8.25 41.21
CA LEU D 78 9.84 8.89 39.91
C LEU D 78 9.38 10.33 40.06
N HIS D 79 10.01 11.22 39.32
CA HIS D 79 9.58 12.58 39.07
C HIS D 79 8.93 12.67 37.70
N PRO D 80 8.07 13.67 37.47
CA PRO D 80 7.48 13.83 36.13
C PRO D 80 8.52 13.91 35.01
N ASP D 81 9.68 14.49 35.28
CA ASP D 81 10.74 14.60 34.29
C ASP D 81 11.34 13.26 33.89
N ASP D 82 11.11 12.20 34.68
CA ASP D 82 11.70 10.90 34.43
C ASP D 82 10.90 10.06 33.44
N PHE D 83 9.69 10.47 33.09
CA PHE D 83 8.90 9.69 32.17
C PHE D 83 9.41 9.91 30.75
N ALA D 84 9.91 8.83 30.15
CA ALA D 84 10.71 8.86 28.93
C ALA D 84 10.99 7.42 28.51
N THR D 85 11.84 7.24 27.49
CA THR D 85 12.29 5.92 27.07
C THR D 85 13.75 5.74 27.46
N TYR D 86 14.08 4.55 27.96
CA TYR D 86 15.43 4.27 28.46
C TYR D 86 16.05 3.14 27.65
N PHE D 87 17.29 3.35 27.22
CA PHE D 87 18.04 2.39 26.41
C PHE D 87 19.31 1.98 27.15
N CYS D 88 19.64 0.69 27.10
CA CYS D 88 20.95 0.23 27.52
C CYS D 88 21.85 0.05 26.30
N GLN D 89 23.16 0.19 26.52
CA GLN D 89 24.14 0.09 25.45
C GLN D 89 25.41 -0.56 25.98
N GLN D 90 25.85 -1.62 25.32
CA GLN D 90 27.14 -2.22 25.63
C GLN D 90 28.22 -1.61 24.73
N PHE D 91 29.43 -1.46 25.28
CA PHE D 91 30.51 -0.93 24.46
C PHE D 91 31.79 -1.76 24.51
N THR D 92 31.71 -3.06 24.77
CA THR D 92 32.92 -3.88 24.71
C THR D 92 33.19 -4.37 23.28
N SER D 93 32.14 -4.75 22.55
CA SER D 93 32.27 -5.23 21.17
C SER D 93 31.41 -4.34 20.27
N TYR D 94 32.04 -3.36 19.64
CA TYR D 94 31.33 -2.31 18.91
C TYR D 94 30.35 -1.67 19.88
N TRP D 95 29.20 -1.21 19.39
CA TRP D 95 28.23 -0.51 20.22
C TRP D 95 26.84 -0.95 19.81
N THR D 96 26.15 -1.68 20.69
CA THR D 96 24.81 -2.16 20.42
C THR D 96 23.86 -1.73 21.53
N PHE D 97 22.58 -1.62 21.19
CA PHE D 97 21.56 -1.06 22.05
C PHE D 97 20.45 -2.08 22.31
N GLY D 98 19.83 -1.96 23.48
CA GLY D 98 18.56 -2.60 23.71
C GLY D 98 17.46 -1.90 22.93
N GLN D 99 16.26 -2.49 22.96
CA GLN D 99 15.13 -1.98 22.20
CA GLN D 99 15.17 -1.93 22.17
C GLN D 99 14.37 -0.88 22.92
N GLY D 100 14.67 -0.63 24.17
CA GLY D 100 14.04 0.47 24.86
C GLY D 100 12.94 0.03 25.81
N THR D 101 12.82 0.78 26.91
CA THR D 101 11.76 0.62 27.90
C THR D 101 11.09 1.97 28.08
N LYS D 102 9.80 2.05 27.73
CA LYS D 102 9.07 3.30 27.85
C LYS D 102 8.35 3.35 29.19
N VAL D 103 8.61 4.41 29.94
CA VAL D 103 7.96 4.66 31.23
C VAL D 103 6.97 5.79 31.04
N GLU D 104 5.71 5.52 31.35
CA GLU D 104 4.61 6.46 31.16
C GLU D 104 3.89 6.68 32.48
N ILE D 105 3.15 7.78 32.54
CA ILE D 105 2.56 8.24 33.80
C ILE D 105 1.25 7.52 34.05
N LYS D 106 1.16 6.86 35.21
CA LYS D 106 -0.10 6.25 35.65
C LYS D 106 -0.98 7.30 36.30
N ARG D 107 -2.19 7.45 35.78
CA ARG D 107 -3.16 8.41 36.30
C ARG D 107 -4.53 7.74 36.40
N THR D 108 -5.52 8.51 36.84
CA THR D 108 -6.86 7.95 36.99
CA THR D 108 -6.88 8.01 36.99
C THR D 108 -7.46 7.53 35.66
N VAL D 109 -8.31 6.52 35.73
CA VAL D 109 -8.98 6.05 34.52
C VAL D 109 -9.85 7.16 33.95
N ALA D 110 -9.70 7.40 32.66
CA ALA D 110 -10.49 8.38 31.94
C ALA D 110 -11.06 7.69 30.70
N ALA D 111 -12.37 7.63 30.62
CA ALA D 111 -13.00 6.97 29.50
C ALA D 111 -12.89 7.84 28.25
N PRO D 112 -12.67 7.25 27.08
CA PRO D 112 -12.67 8.05 25.86
C PRO D 112 -14.07 8.53 25.52
N SER D 113 -14.15 9.77 25.06
CA SER D 113 -15.30 10.22 24.29
C SER D 113 -15.03 9.88 22.83
N VAL D 114 -16.05 9.35 22.15
CA VAL D 114 -15.87 8.70 20.85
C VAL D 114 -16.67 9.48 19.80
N PHE D 115 -16.02 9.77 18.68
CA PHE D 115 -16.63 10.52 17.59
C PHE D 115 -16.29 9.84 16.26
N ILE D 116 -17.20 9.94 15.31
CA ILE D 116 -16.99 9.39 13.97
C ILE D 116 -17.34 10.46 12.94
N PHE D 117 -16.57 10.50 11.86
CA PHE D 117 -16.79 11.45 10.78
C PHE D 117 -16.95 10.71 9.46
N PRO D 118 -18.07 10.89 8.75
CA PRO D 118 -18.21 10.29 7.42
C PRO D 118 -17.29 10.96 6.42
N PRO D 119 -17.04 10.32 5.28
CA PRO D 119 -16.22 10.98 4.25
C PRO D 119 -16.90 12.22 3.71
N SER D 120 -16.08 13.18 3.29
CA SER D 120 -16.58 14.42 2.71
C SER D 120 -17.07 14.18 1.30
N ASP D 121 -18.04 14.97 0.88
CA ASP D 121 -18.49 14.90 -0.51
C ASP D 121 -17.35 15.28 -1.45
N GLU D 122 -16.48 16.18 -1.02
CA GLU D 122 -15.36 16.60 -1.87
CA GLU D 122 -15.37 16.59 -1.88
C GLU D 122 -14.41 15.44 -2.13
N GLN D 123 -14.14 14.63 -1.11
CA GLN D 123 -13.20 13.52 -1.29
C GLN D 123 -13.82 12.43 -2.16
N LEU D 124 -15.12 12.17 -1.99
CA LEU D 124 -15.79 11.19 -2.84
C LEU D 124 -15.64 11.54 -4.32
N LYS D 125 -15.65 12.83 -4.64
CA LYS D 125 -15.47 13.25 -6.03
C LYS D 125 -14.10 12.87 -6.56
N SER D 126 -13.08 12.81 -5.69
CA SER D 126 -11.74 12.48 -6.14
C SER D 126 -11.51 10.97 -6.25
N GLY D 127 -12.38 10.14 -5.66
CA GLY D 127 -12.33 8.70 -5.87
C GLY D 127 -12.08 7.87 -4.62
N THR D 128 -11.82 8.44 -3.46
CA THR D 128 -11.56 7.65 -2.26
C THR D 128 -12.54 8.05 -1.16
N ALA D 129 -12.54 7.26 -0.09
CA ALA D 129 -13.47 7.44 1.02
C ALA D 129 -12.74 7.12 2.32
N SER D 130 -12.58 8.12 3.17
CA SER D 130 -11.93 7.97 4.47
C SER D 130 -12.96 8.17 5.57
N VAL D 131 -13.12 7.16 6.42
CA VAL D 131 -13.94 7.25 7.61
C VAL D 131 -13.01 7.32 8.82
N VAL D 132 -13.24 8.30 9.69
CA VAL D 132 -12.33 8.59 10.79
C VAL D 132 -13.09 8.43 12.11
N CYS D 133 -12.57 7.58 12.99
CA CYS D 133 -13.08 7.40 14.34
C CYS D 133 -12.10 8.00 15.32
N LEU D 134 -12.60 8.89 16.19
CA LEU D 134 -11.76 9.63 17.12
C LEU D 134 -12.11 9.27 18.55
N LEU D 135 -11.08 8.96 19.34
CA LEU D 135 -11.19 8.72 20.78
C LEU D 135 -10.38 9.80 21.48
N ASN D 136 -11.00 10.50 22.44
CA ASN D 136 -10.39 11.71 22.97
C ASN D 136 -10.20 11.67 24.47
N ASN D 137 -8.99 12.04 24.91
CA ASN D 137 -8.64 12.30 26.31
C ASN D 137 -9.01 11.13 27.21
N PHE D 138 -8.30 10.02 26.99
CA PHE D 138 -8.54 8.79 27.71
C PHE D 138 -7.24 8.28 28.33
N TYR D 139 -7.40 7.47 29.38
CA TYR D 139 -6.33 6.75 30.02
C TYR D 139 -6.92 5.49 30.65
N PRO D 140 -6.23 4.35 30.58
CA PRO D 140 -4.93 4.04 29.97
C PRO D 140 -4.90 4.12 28.45
N ARG D 141 -3.71 3.84 27.90
CA ARG D 141 -3.46 4.01 26.48
C ARG D 141 -4.17 2.97 25.64
N GLU D 142 -4.38 1.77 26.18
CA GLU D 142 -4.76 0.61 25.36
C GLU D 142 -6.27 0.54 25.19
N ALA D 143 -6.78 1.42 24.34
CA ALA D 143 -8.13 1.30 23.81
C ALA D 143 -8.09 0.45 22.54
N LYS D 144 -9.16 -0.31 22.31
CA LYS D 144 -9.27 -1.13 21.12
C LYS D 144 -10.37 -0.59 20.21
N VAL D 145 -10.04 -0.42 18.94
CA VAL D 145 -10.92 0.21 17.96
C VAL D 145 -11.09 -0.75 16.79
N GLN D 146 -12.33 -1.15 16.52
CA GLN D 146 -12.63 -2.05 15.41
C GLN D 146 -13.66 -1.43 14.49
N TRP D 147 -13.46 -1.62 13.19
CA TRP D 147 -14.39 -1.16 12.17
C TRP D 147 -15.30 -2.30 11.75
N LYS D 148 -16.60 -2.07 11.77
CA LYS D 148 -17.60 -3.02 11.30
C LYS D 148 -18.41 -2.35 10.21
N VAL D 149 -18.38 -2.93 9.02
CA VAL D 149 -19.06 -2.41 7.85
C VAL D 149 -20.14 -3.41 7.46
N ASP D 150 -21.40 -3.03 7.66
CA ASP D 150 -22.53 -3.96 7.54
C ASP D 150 -22.32 -5.19 8.41
N ASN D 151 -21.85 -4.95 9.64
CA ASN D 151 -21.62 -5.94 10.68
C ASN D 151 -20.48 -6.90 10.37
N ALA D 152 -19.75 -6.68 9.28
CA ALA D 152 -18.59 -7.49 8.94
C ALA D 152 -17.33 -6.77 9.42
N LEU D 153 -16.56 -7.43 10.27
CA LEU D 153 -15.34 -6.82 10.81
C LEU D 153 -14.34 -6.54 9.70
N GLN D 154 -13.66 -5.39 9.80
CA GLN D 154 -12.70 -4.95 8.80
C GLN D 154 -11.28 -5.28 9.25
N SER D 155 -10.43 -5.58 8.27
CA SER D 155 -9.04 -5.92 8.55
C SER D 155 -8.16 -5.54 7.38
N GLY D 156 -7.13 -4.74 7.64
CA GLY D 156 -6.14 -4.39 6.65
C GLY D 156 -6.36 -3.06 5.97
N ASN D 157 -7.48 -2.39 6.22
CA ASN D 157 -7.83 -1.15 5.54
C ASN D 157 -7.89 0.04 6.49
N SER D 158 -7.33 -0.09 7.70
CA SER D 158 -7.40 0.95 8.71
C SER D 158 -6.01 1.24 9.27
N GLN D 159 -5.81 2.50 9.65
CA GLN D 159 -4.56 2.95 10.25
C GLN D 159 -4.86 3.75 11.50
N GLU D 160 -4.09 3.50 12.56
CA GLU D 160 -4.23 4.20 13.83
C GLU D 160 -3.08 5.15 14.04
N SER D 161 -3.39 6.31 14.63
CA SER D 161 -2.41 7.29 15.07
C SER D 161 -2.79 7.75 16.47
N VAL D 162 -1.80 7.88 17.34
CA VAL D 162 -2.03 8.22 18.73
C VAL D 162 -1.11 9.37 19.13
N THR D 163 -1.64 10.27 19.96
CA THR D 163 -0.87 11.38 20.50
C THR D 163 0.09 10.88 21.58
N GLU D 164 1.15 11.64 21.80
CA GLU D 164 1.94 11.43 23.00
C GLU D 164 1.11 11.83 24.22
N GLN D 165 1.46 11.25 25.37
CA GLN D 165 0.75 11.53 26.60
C GLN D 165 0.76 13.03 26.87
N ASP D 166 -0.42 13.58 27.16
CA ASP D 166 -0.56 15.02 27.34
C ASP D 166 0.18 15.47 28.59
N SER D 167 1.00 16.52 28.46
CA SER D 167 1.83 16.94 29.57
C SER D 167 1.03 17.60 30.69
N LYS D 168 -0.21 18.02 30.41
CA LYS D 168 -1.02 18.66 31.45
C LYS D 168 -1.93 17.66 32.16
N ASP D 169 -2.74 16.90 31.42
CA ASP D 169 -3.67 15.97 32.06
C ASP D 169 -3.32 14.50 31.83
N SER D 170 -2.18 14.20 31.22
CA SER D 170 -1.66 12.83 31.12
C SER D 170 -2.62 11.89 30.41
N THR D 171 -3.48 12.42 29.54
CA THR D 171 -4.38 11.61 28.73
C THR D 171 -3.78 11.34 27.35
N TYR D 172 -4.38 10.40 26.64
CA TYR D 172 -4.05 10.09 25.26
C TYR D 172 -5.25 10.39 24.36
N SER D 173 -4.97 10.61 23.09
CA SER D 173 -5.99 10.74 22.07
C SER D 173 -5.61 9.91 20.85
N LEU D 174 -6.61 9.31 20.21
CA LEU D 174 -6.39 8.31 19.18
C LEU D 174 -7.34 8.53 18.01
N SER D 175 -6.82 8.33 16.80
CA SER D 175 -7.60 8.37 15.57
C SER D 175 -7.42 7.07 14.81
N SER D 176 -8.51 6.58 14.22
CA SER D 176 -8.49 5.40 13.37
C SER D 176 -9.17 5.76 12.06
N THR D 177 -8.44 5.59 10.95
CA THR D 177 -8.90 6.02 9.64
C THR D 177 -9.09 4.82 8.74
N LEU D 178 -10.33 4.56 8.35
CA LEU D 178 -10.69 3.49 7.43
C LEU D 178 -10.82 4.07 6.03
N THR D 179 -9.97 3.61 5.11
CA THR D 179 -9.90 4.17 3.76
C THR D 179 -10.39 3.13 2.76
N LEU D 180 -11.25 3.56 1.84
CA LEU D 180 -11.80 2.70 0.80
C LEU D 180 -11.88 3.49 -0.51
N SER D 181 -11.89 2.75 -1.61
CA SER D 181 -12.21 3.36 -2.89
C SER D 181 -13.67 3.77 -2.91
N LYS D 182 -13.97 4.79 -3.73
CA LYS D 182 -15.36 5.22 -3.90
C LYS D 182 -16.25 4.04 -4.24
N ALA D 183 -15.79 3.16 -5.14
CA ALA D 183 -16.58 1.99 -5.53
C ALA D 183 -16.83 1.06 -4.34
N ASP D 184 -15.76 0.72 -3.61
CA ASP D 184 -15.93 -0.15 -2.44
C ASP D 184 -16.83 0.50 -1.39
N TYR D 185 -16.65 1.79 -1.16
CA TYR D 185 -17.49 2.51 -0.20
C TYR D 185 -18.97 2.38 -0.56
N GLU D 186 -19.31 2.66 -1.83
CA GLU D 186 -20.68 2.62 -2.29
C GLU D 186 -21.26 1.20 -2.35
N LYS D 187 -20.51 0.17 -1.96
CA LYS D 187 -21.01 -1.19 -1.93
C LYS D 187 -21.73 -1.53 -0.62
N HIS D 188 -21.66 -0.67 0.39
CA HIS D 188 -22.16 -0.99 1.72
C HIS D 188 -22.90 0.18 2.32
N LYS D 189 -23.69 -0.09 3.36
CA LYS D 189 -24.51 0.93 3.99
C LYS D 189 -24.01 1.33 5.37
N VAL D 190 -23.93 0.39 6.31
CA VAL D 190 -23.63 0.73 7.70
C VAL D 190 -22.13 0.80 7.90
N TYR D 191 -21.66 1.90 8.46
CA TYR D 191 -20.27 2.07 8.86
C TYR D 191 -20.23 2.39 10.35
N ALA D 192 -19.43 1.64 11.09
CA ALA D 192 -19.45 1.72 12.54
C ALA D 192 -18.06 1.50 13.09
N CYS D 193 -17.73 2.24 14.14
CA CYS D 193 -16.49 2.07 14.89
CA CYS D 193 -16.49 2.02 14.87
C CYS D 193 -16.83 1.68 16.31
N GLU D 194 -16.27 0.56 16.78
CA GLU D 194 -16.55 0.01 18.09
C GLU D 194 -15.33 0.20 18.99
N VAL D 195 -15.54 0.82 20.15
CA VAL D 195 -14.46 1.14 21.07
C VAL D 195 -14.66 0.35 22.35
N THR D 196 -13.63 -0.39 22.76
CA THR D 196 -13.60 -1.06 24.06
C THR D 196 -12.45 -0.46 24.87
N HIS D 197 -12.78 0.03 26.06
CA HIS D 197 -11.81 0.66 26.94
C HIS D 197 -12.32 0.52 28.37
N GLN D 198 -11.39 0.45 29.33
CA GLN D 198 -11.79 0.09 30.68
C GLN D 198 -12.62 1.17 31.34
N GLY D 199 -12.48 2.43 30.91
CA GLY D 199 -13.32 3.49 31.43
C GLY D 199 -14.77 3.39 31.03
N LEU D 200 -15.10 2.52 30.08
CA LEU D 200 -16.45 2.36 29.56
C LEU D 200 -17.06 1.08 30.10
N SER D 201 -18.28 1.18 30.62
CA SER D 201 -18.95 0.00 31.20
C SER D 201 -19.16 -1.07 30.15
N SER D 202 -19.52 -0.68 28.94
CA SER D 202 -19.76 -1.59 27.82
C SER D 202 -19.04 -1.06 26.60
N PRO D 203 -18.82 -1.90 25.58
CA PRO D 203 -18.31 -1.39 24.31
C PRO D 203 -19.22 -0.33 23.73
N VAL D 204 -18.61 0.74 23.22
CA VAL D 204 -19.33 1.89 22.68
C VAL D 204 -19.23 1.85 21.16
N THR D 205 -20.36 2.07 20.48
CA THR D 205 -20.43 2.07 19.03
C THR D 205 -20.98 3.40 18.55
N LYS D 206 -20.26 4.04 17.63
CA LYS D 206 -20.76 5.16 16.86
C LYS D 206 -20.81 4.74 15.39
N SER D 207 -21.94 5.01 14.74
CA SER D 207 -22.17 4.47 13.41
C SER D 207 -22.95 5.46 12.57
N PHE D 208 -22.88 5.27 11.24
CA PHE D 208 -23.69 6.05 10.32
C PHE D 208 -24.04 5.17 9.11
N ASN D 209 -25.15 5.52 8.48
CA ASN D 209 -25.56 4.91 7.22
C ASN D 209 -25.08 5.77 6.06
N ARG D 210 -24.49 5.14 5.05
CA ARG D 210 -24.08 5.87 3.86
C ARG D 210 -25.30 6.54 3.22
N GLY D 211 -25.13 7.79 2.83
CA GLY D 211 -26.20 8.53 2.22
C GLY D 211 -27.13 9.26 3.16
N GLU D 212 -27.02 9.03 4.47
CA GLU D 212 -27.71 9.84 5.45
C GLU D 212 -26.85 11.00 5.94
N CYS D 213 -25.64 11.13 5.41
CA CYS D 213 -24.70 12.18 5.82
C CYS D 213 -24.17 12.94 4.60
N ALA E 2 43.53 -0.48 14.95
CA ALA E 2 43.52 -1.23 16.21
C ALA E 2 42.15 -1.82 16.48
N ASN E 3 41.77 -1.91 17.75
CA ASN E 3 40.46 -2.46 18.12
C ASN E 3 39.45 -1.32 18.22
N PRO E 4 38.29 -1.45 17.57
CA PRO E 4 37.34 -0.32 17.51
C PRO E 4 36.96 0.25 18.86
N ASN E 5 36.92 -0.58 19.90
CA ASN E 5 36.50 -0.11 21.22
C ASN E 5 37.67 0.38 22.08
N ALA E 6 38.89 0.33 21.55
CA ALA E 6 40.03 0.90 22.26
C ALA E 6 39.91 2.43 22.30
N ASN E 7 40.79 3.05 23.08
CA ASN E 7 40.80 4.49 23.23
C ASN E 7 40.93 5.18 21.86
N PRO E 8 39.92 5.92 21.42
CA PRO E 8 40.01 6.64 20.14
C PRO E 8 40.52 8.06 20.25
N ASN E 9 40.90 8.49 21.45
CA ASN E 9 41.26 9.87 21.72
C ASN E 9 42.77 10.06 21.64
N ALA E 10 43.18 11.33 21.63
CA ALA E 10 44.59 11.66 21.64
C ALA E 10 45.22 11.28 22.98
N ASN E 11 46.52 11.02 22.94
CA ASN E 11 47.28 10.59 24.11
C ASN E 11 46.61 9.41 24.84
N PRO E 12 46.37 8.29 24.14
CA PRO E 12 45.74 7.14 24.80
C PRO E 12 46.60 6.54 25.91
N ALA F 2 -31.31 17.31 -30.13
CA ALA F 2 -31.45 15.91 -30.56
C ALA F 2 -31.43 14.97 -29.36
N ASN F 3 -31.99 13.78 -29.54
CA ASN F 3 -31.97 12.75 -28.50
C ASN F 3 -30.80 11.82 -28.73
N PRO F 4 -29.99 11.54 -27.70
CA PRO F 4 -28.77 10.73 -27.88
C PRO F 4 -28.99 9.40 -28.58
N ASN F 5 -30.10 8.71 -28.31
CA ASN F 5 -30.34 7.39 -28.86
C ASN F 5 -31.04 7.41 -30.21
N ALA F 6 -31.27 8.59 -30.78
CA ALA F 6 -31.87 8.68 -32.10
C ALA F 6 -30.84 8.29 -33.17
N ASN F 7 -31.29 8.20 -34.41
CA ASN F 7 -30.42 7.85 -35.52
C ASN F 7 -29.24 8.82 -35.60
N PRO F 8 -28.01 8.37 -35.34
CA PRO F 8 -26.84 9.27 -35.46
C PRO F 8 -26.20 9.27 -36.83
N ASN F 9 -26.79 8.57 -37.79
CA ASN F 9 -26.21 8.37 -39.11
C ASN F 9 -26.80 9.36 -40.10
N ALA F 10 -26.17 9.44 -41.28
CA ALA F 10 -26.70 10.25 -42.35
C ALA F 10 -27.98 9.65 -42.89
N ASN F 11 -28.77 10.52 -43.54
CA ASN F 11 -30.05 10.15 -44.14
C ASN F 11 -30.93 9.32 -43.21
N PRO F 12 -31.31 9.86 -42.03
CA PRO F 12 -32.22 9.10 -41.15
C PRO F 12 -33.59 8.88 -41.77
C1 EDO G . -16.79 16.79 -38.52
O1 EDO G . -16.17 17.89 -37.84
C2 EDO G . -16.30 16.75 -39.97
O2 EDO G . -14.91 16.42 -39.99
C1 EDO H . -31.49 0.35 -36.43
O1 EDO H . -31.23 -0.65 -37.44
C2 EDO H . -31.36 -0.28 -35.06
O2 EDO H . -31.31 0.75 -34.06
C1 EDO I . -24.58 8.71 -18.74
O1 EDO I . -24.03 9.02 -17.46
C2 EDO I . -24.59 7.21 -18.94
O2 EDO I . -25.87 6.68 -18.58
C1 EDO J . -11.28 -8.41 -20.77
O1 EDO J . -10.90 -9.77 -20.60
C2 EDO J . -10.42 -7.77 -21.85
O2 EDO J . -10.86 -8.23 -23.14
C1 EDO K . -20.41 -17.18 -31.70
O1 EDO K . -19.47 -16.10 -31.68
C2 EDO K . -19.69 -18.49 -31.39
O2 EDO K . -19.17 -18.45 -30.05
C1 EDO L . -5.16 -31.94 4.23
O1 EDO L . -5.14 -30.52 4.41
C2 EDO L . -5.99 -32.27 3.00
O2 EDO L . -7.36 -31.90 3.24
C1 EDO M . 31.91 -4.77 0.66
O1 EDO M . 32.74 -3.67 1.06
C2 EDO M . 30.46 -4.47 1.04
O2 EDO M . 30.36 -4.52 2.48
C1 EDO N . 17.59 13.13 34.57
O1 EDO N . 17.90 13.56 33.24
C2 EDO N . 16.20 13.63 34.95
O2 EDO N . 15.21 12.90 34.22
C1 EDO O . 27.63 -3.43 13.95
O1 EDO O . 27.97 -4.33 12.88
C2 EDO O . 28.07 -4.04 15.28
O2 EDO O . 27.39 -5.28 15.48
C1 EDO P . 33.77 -8.34 27.83
O1 EDO P . 34.92 -7.50 28.08
C2 EDO P . 34.17 -9.80 27.99
O2 EDO P . 34.48 -10.06 29.37
C1 EDO Q . -24.46 13.10 1.04
O1 EDO Q . -23.20 13.14 1.71
C2 EDO Q . -24.70 14.56 0.68
O2 EDO Q . -25.10 15.29 1.85
C1 EDO R . 12.38 8.91 19.68
O1 EDO R . 11.15 9.38 20.24
C2 EDO R . 12.91 9.96 18.72
O2 EDO R . 13.42 11.06 19.48
C1 EDO S . -19.84 18.01 2.65
O1 EDO S . -19.99 16.59 2.75
C2 EDO S . -18.36 18.35 2.65
O2 EDO S . -17.74 17.80 1.48
#